data_5IZJ
#
_entry.id   5IZJ
#
_cell.length_a   63.940
_cell.length_b   84.990
_cell.length_c   77.010
_cell.angle_alpha   90.00
_cell.angle_beta   90.09
_cell.angle_gamma   90.00
#
_symmetry.space_group_name_H-M   'P 1 21 1'
#
loop_
_entity.id
_entity.type
_entity.pdbx_description
1 polymer 'cAMP-dependent protein kinase catalytic subunit alpha'
2 polymer 47P-AZ1-DAR-DAR
3 polymer 47P-AZ1-DAR-DAR-DAR
4 non-polymer 'PHOSPHATE ION'
5 non-polymer 4-(piperazin-1-yl)-7H-pyrrolo[2,3-d]pyrimidine
6 water water
#
loop_
_entity_poly.entity_id
_entity_poly.type
_entity_poly.pdbx_seq_one_letter_code
_entity_poly.pdbx_strand_id
1 'polypeptide(L)'
;MGNAAAAKKGSEQESVKEFLAKAKEDFLKKWESPAQNTAHLDQFERIKTLGTGSFGRVMLVKHKETGNHYAMKILDKQKV
VKLKQIEHTLNEKRILQAVNFPFLVKLEFSFKDNSNLYMVMEYVPGGEMFSHLRRIGRFSEPHARFYAAQIVLTFEYLHS
LDLIYRDLKPENLLIDQQGYIQVTDFGFAKRVKGRTW(TPO)LCGTPEYLAPEIILSKGYNKAVDWWALGVLIYEMAAGY
PPFFADQPIQIYEKIVSGKVRFPSHFSSDLKDLLRNLLQVDLTKRFGNLKNGVNDIKNHKWFATTDWIAIYQRKVEAPFI
PKFKGPGDTSNFDDYEEEEIRV(SEP)INEKCGKEFSEF
;
A,B
2 'polypeptide(D)' (6J9)(ZEU)(DAR)(DAR)(NH2) G
3 'polypeptide(D)' (6J9)(ZEU)(DAR)(DAR)(DAR)(NH2) F
#
loop_
_chem_comp.id
_chem_comp.type
_chem_comp.name
_chem_comp.formula
6J9 non-polymer 4-(piperazin-1-yl)-7H-pyrrolo[2,3-d]pyrimidine 'C10 H13 N5'
NH2 non-polymer 'AMINO GROUP' 'H2 N'
PO4 non-polymer 'PHOSPHATE ION' 'O4 P -3'
ZEU non-polymer '9-hydroxynonanoic acid' 'C9 H18 O3'
#
# COMPACT_ATOMS: atom_id res chain seq x y z
N SER A 15 -23.14 24.89 29.19
CA SER A 15 -22.12 25.66 28.42
C SER A 15 -21.76 24.96 27.10
N VAL A 16 -21.54 23.65 27.16
CA VAL A 16 -21.33 22.81 25.96
C VAL A 16 -22.63 22.78 25.15
N LYS A 17 -23.75 22.61 25.85
CA LYS A 17 -25.10 22.64 25.26
C LYS A 17 -25.39 24.00 24.61
N GLU A 18 -24.95 25.06 25.27
CA GLU A 18 -25.11 26.44 24.79
C GLU A 18 -24.24 26.72 23.57
N PHE A 19 -22.99 26.26 23.61
CA PHE A 19 -22.06 26.33 22.47
C PHE A 19 -22.62 25.61 21.25
N LEU A 20 -23.12 24.39 21.45
CA LEU A 20 -23.62 23.54 20.37
C LEU A 20 -24.93 24.05 19.75
N ALA A 21 -25.80 24.62 20.59
CA ALA A 21 -27.02 25.28 20.14
C ALA A 21 -26.71 26.48 19.22
N LYS A 22 -25.72 27.29 19.61
CA LYS A 22 -25.25 28.42 18.79
C LYS A 22 -24.61 27.92 17.49
N ALA A 23 -23.77 26.89 17.60
CA ALA A 23 -23.11 26.26 16.45
C ALA A 23 -24.08 25.66 15.43
N LYS A 24 -25.21 25.13 15.92
CA LYS A 24 -26.25 24.59 15.06
C LYS A 24 -26.94 25.69 14.24
N GLU A 25 -27.28 26.80 14.90
CA GLU A 25 -27.81 28.01 14.27
C GLU A 25 -26.87 28.55 13.19
N ASP A 26 -25.58 28.66 13.53
CA ASP A 26 -24.52 29.09 12.60
C ASP A 26 -24.43 28.20 11.37
N PHE A 27 -24.49 26.88 11.59
CA PHE A 27 -24.42 25.90 10.52
C PHE A 27 -25.60 26.02 9.56
N LEU A 28 -26.82 25.97 10.10
CA LEU A 28 -28.05 25.98 9.30
C LEU A 28 -28.24 27.23 8.42
N LYS A 29 -27.84 28.39 8.96
CA LYS A 29 -27.81 29.65 8.20
C LYS A 29 -26.99 29.54 6.91
N LYS A 30 -25.78 28.98 7.03
CA LYS A 30 -24.89 28.75 5.90
C LYS A 30 -25.35 27.57 5.03
N TRP A 31 -25.92 26.54 5.66
CA TRP A 31 -26.47 25.37 4.98
C TRP A 31 -27.64 25.73 4.07
N GLU A 32 -28.51 26.62 4.55
CA GLU A 32 -29.69 27.07 3.79
C GLU A 32 -29.38 28.18 2.79
N SER A 33 -28.31 28.94 3.05
CA SER A 33 -27.88 30.03 2.18
C SER A 33 -26.36 30.00 1.94
N PRO A 34 -25.90 29.23 0.93
CA PRO A 34 -24.47 29.02 0.66
C PRO A 34 -23.69 30.30 0.27
N ALA A 35 -22.38 30.24 0.44
CA ALA A 35 -21.46 31.36 0.21
C ALA A 35 -21.32 31.74 -1.27
N GLN A 36 -21.17 33.04 -1.52
CA GLN A 36 -20.94 33.57 -2.87
C GLN A 36 -19.53 33.22 -3.36
N ASN A 37 -19.39 33.10 -4.68
CA ASN A 37 -18.11 32.79 -5.33
C ASN A 37 -17.07 33.88 -5.13
N THR A 38 -15.91 33.48 -4.62
CA THR A 38 -14.84 34.40 -4.23
C THR A 38 -13.52 34.03 -4.90
N ALA A 39 -12.76 35.05 -5.29
CA ALA A 39 -11.39 34.93 -5.83
C ALA A 39 -11.29 34.37 -7.26
N HIS A 40 -10.11 34.55 -7.87
CA HIS A 40 -9.78 34.09 -9.22
CA HIS A 40 -9.82 33.94 -9.15
C HIS A 40 -8.40 33.40 -9.23
N LEU A 41 -8.12 32.57 -10.24
CA LEU A 41 -6.88 31.79 -10.33
C LEU A 41 -5.59 32.60 -10.23
N ASP A 42 -5.53 33.73 -10.93
CA ASP A 42 -4.31 34.56 -10.97
C ASP A 42 -3.93 35.22 -9.64
N GLN A 43 -4.84 35.14 -8.66
CA GLN A 43 -4.58 35.68 -7.31
C GLN A 43 -3.72 34.74 -6.44
N PHE A 44 -3.36 33.58 -6.98
CA PHE A 44 -2.57 32.59 -6.26
C PHE A 44 -1.33 32.15 -7.05
N GLU A 45 -0.16 32.24 -6.41
CA GLU A 45 1.08 31.68 -6.96
C GLU A 45 1.09 30.18 -6.71
N ARG A 46 1.23 29.39 -7.76
CA ARG A 46 1.33 27.93 -7.66
C ARG A 46 2.76 27.53 -7.27
N ILE A 47 2.88 26.69 -6.25
CA ILE A 47 4.20 26.28 -5.72
C ILE A 47 4.52 24.82 -6.04
N LYS A 48 3.69 23.90 -5.52
CA LYS A 48 3.95 22.46 -5.61
C LYS A 48 2.65 21.65 -5.50
N THR A 49 2.59 20.52 -6.20
CA THR A 49 1.47 19.57 -6.09
C THR A 49 1.65 18.75 -4.81
N LEU A 50 0.59 18.73 -3.99
CA LEU A 50 0.59 18.01 -2.71
C LEU A 50 -0.05 16.63 -2.80
N GLY A 51 -0.89 16.43 -3.81
CA GLY A 51 -1.57 15.16 -4.06
C GLY A 51 -2.34 15.17 -5.38
N THR A 52 -2.50 13.99 -5.97
CA THR A 52 -3.24 13.81 -7.24
C THR A 52 -4.35 12.77 -7.11
N GLY A 53 -5.37 12.90 -7.96
CA GLY A 53 -6.48 11.97 -8.03
C GLY A 53 -6.92 11.70 -9.46
N SER A 54 -8.01 10.96 -9.61
CA SER A 54 -8.55 10.59 -10.93
C SER A 54 -9.14 11.77 -11.71
N PHE A 55 -9.81 12.67 -11.00
CA PHE A 55 -10.42 13.86 -11.62
C PHE A 55 -10.02 15.21 -11.02
N GLY A 56 -8.87 15.22 -10.32
CA GLY A 56 -8.34 16.45 -9.75
C GLY A 56 -7.00 16.32 -9.06
N ARG A 57 -6.52 17.44 -8.52
CA ARG A 57 -5.28 17.50 -7.75
C ARG A 57 -5.33 18.60 -6.68
N VAL A 58 -4.46 18.48 -5.68
CA VAL A 58 -4.32 19.50 -4.63
C VAL A 58 -2.93 20.12 -4.76
N MET A 59 -2.90 21.45 -4.80
CA MET A 59 -1.66 22.21 -4.93
C MET A 59 -1.43 23.14 -3.75
N LEU A 60 -0.18 23.22 -3.31
CA LEU A 60 0.25 24.25 -2.37
C LEU A 60 0.36 25.56 -3.14
N VAL A 61 -0.40 26.55 -2.69
CA VAL A 61 -0.42 27.89 -3.31
C VAL A 61 -0.10 28.98 -2.29
N LYS A 62 0.35 30.13 -2.79
CA LYS A 62 0.47 31.34 -1.99
C LYS A 62 -0.51 32.38 -2.53
N HIS A 63 -1.46 32.81 -1.70
CA HIS A 63 -2.33 33.94 -2.00
C HIS A 63 -1.43 35.17 -2.08
N LYS A 64 -1.37 35.76 -3.27
CA LYS A 64 -0.42 36.83 -3.58
C LYS A 64 -0.52 38.06 -2.67
N GLU A 65 -1.74 38.56 -2.48
CA GLU A 65 -1.99 39.83 -1.76
C GLU A 65 -1.68 39.75 -0.26
N THR A 66 -2.02 38.62 0.36
CA THR A 66 -1.82 38.43 1.81
C THR A 66 -0.51 37.73 2.12
N GLY A 67 0.00 36.95 1.17
CA GLY A 67 1.17 36.09 1.41
C GLY A 67 0.83 34.78 2.13
N ASN A 68 -0.44 34.56 2.42
CA ASN A 68 -0.88 33.32 3.09
C ASN A 68 -0.80 32.10 2.20
N HIS A 69 -0.38 30.98 2.79
CA HIS A 69 -0.27 29.71 2.08
C HIS A 69 -1.55 28.88 2.25
N TYR A 70 -2.03 28.32 1.14
CA TYR A 70 -3.25 27.52 1.11
C TYR A 70 -3.09 26.24 0.29
N ALA A 71 -3.98 25.27 0.52
CA ALA A 71 -4.05 24.07 -0.30
C ALA A 71 -5.27 24.15 -1.22
N MET A 72 -5.00 24.26 -2.52
CA MET A 72 -6.04 24.49 -3.52
C MET A 72 -6.40 23.18 -4.22
N LYS A 73 -7.66 22.78 -4.09
CA LYS A 73 -8.19 21.60 -4.79
C LYS A 73 -8.74 22.04 -6.13
N ILE A 74 -8.16 21.49 -7.19
CA ILE A 74 -8.54 21.78 -8.57
C ILE A 74 -9.27 20.55 -9.12
N LEU A 75 -10.54 20.72 -9.47
CA LEU A 75 -11.32 19.62 -10.04
C LEU A 75 -11.70 19.86 -11.49
N ASP A 76 -11.40 18.89 -12.35
CA ASP A 76 -11.70 18.96 -13.78
C ASP A 76 -13.19 18.69 -13.99
N LYS A 77 -13.92 19.72 -14.44
CA LYS A 77 -15.39 19.67 -14.61
C LYS A 77 -15.90 18.55 -15.51
N GLN A 78 -15.25 18.39 -16.68
CA GLN A 78 -15.59 17.34 -17.64
C GLN A 78 -15.47 15.94 -17.05
N LYS A 79 -14.44 15.74 -16.24
CA LYS A 79 -14.19 14.47 -15.57
C LYS A 79 -15.16 14.19 -14.42
N VAL A 80 -15.51 15.25 -13.66
CA VAL A 80 -16.54 15.16 -12.60
C VAL A 80 -17.86 14.69 -13.22
N VAL A 81 -18.26 15.32 -14.32
CA VAL A 81 -19.49 15.00 -15.05
C VAL A 81 -19.46 13.58 -15.60
N LYS A 82 -18.32 13.18 -16.17
CA LYS A 82 -18.11 11.85 -16.75
C LYS A 82 -18.27 10.73 -15.70
N LEU A 83 -17.66 10.93 -14.53
CA LEU A 83 -17.70 9.96 -13.44
C LEU A 83 -18.93 10.07 -12.54
N LYS A 84 -19.92 10.86 -12.99
CA LYS A 84 -21.22 11.09 -12.31
C LYS A 84 -21.07 11.62 -10.87
N GLN A 85 -20.12 12.53 -10.69
CA GLN A 85 -19.75 13.03 -9.36
C GLN A 85 -20.20 14.47 -9.09
N ILE A 86 -21.14 14.98 -9.90
CA ILE A 86 -21.63 16.36 -9.80
C ILE A 86 -22.22 16.64 -8.40
N GLU A 87 -23.28 15.90 -8.04
CA GLU A 87 -23.98 16.11 -6.77
C GLU A 87 -23.10 15.85 -5.54
N HIS A 88 -22.26 14.81 -5.64
CA HIS A 88 -21.23 14.50 -4.62
C HIS A 88 -20.31 15.69 -4.35
N THR A 89 -19.81 16.31 -5.43
CA THR A 89 -18.95 17.50 -5.35
C THR A 89 -19.67 18.68 -4.68
N LEU A 90 -20.92 18.93 -5.10
CA LEU A 90 -21.72 20.03 -4.58
C LEU A 90 -22.09 19.87 -3.10
N ASN A 91 -22.49 18.65 -2.72
CA ASN A 91 -22.80 18.34 -1.32
C ASN A 91 -21.57 18.50 -0.41
N GLU A 92 -20.43 18.01 -0.89
CA GLU A 92 -19.16 18.13 -0.17
C GLU A 92 -18.74 19.59 0.05
N LYS A 93 -18.87 20.41 -1.00
CA LYS A 93 -18.62 21.85 -0.91
C LYS A 93 -19.57 22.51 0.10
N ARG A 94 -20.85 22.17 -0.01
CA ARG A 94 -21.90 22.71 0.85
C ARG A 94 -21.65 22.42 2.33
N ILE A 95 -21.15 21.21 2.64
CA ILE A 95 -20.79 20.83 4.01
C ILE A 95 -19.57 21.63 4.50
N LEU A 96 -18.53 21.70 3.68
CA LEU A 96 -17.30 22.44 4.02
C LEU A 96 -17.51 23.92 4.31
N GLN A 97 -18.33 24.59 3.49
CA GLN A 97 -18.56 26.04 3.65
C GLN A 97 -19.45 26.38 4.85
N ALA A 98 -20.19 25.38 5.33
CA ALA A 98 -21.14 25.57 6.42
C ALA A 98 -20.59 25.20 7.80
N VAL A 99 -19.62 24.28 7.86
CA VAL A 99 -19.03 23.87 9.15
C VAL A 99 -17.94 24.82 9.64
N ASN A 100 -17.79 24.88 10.97
CA ASN A 100 -16.80 25.73 11.64
C ASN A 100 -16.43 25.11 12.99
N PHE A 101 -15.22 24.56 13.05
CA PHE A 101 -14.69 23.89 14.25
C PHE A 101 -13.16 23.87 14.15
N PRO A 102 -12.43 24.00 15.29
CA PRO A 102 -10.95 24.07 15.26
C PRO A 102 -10.28 22.92 14.51
N PHE A 103 -10.83 21.72 14.61
CA PHE A 103 -10.21 20.53 14.05
C PHE A 103 -10.72 20.13 12.66
N LEU A 104 -11.46 21.05 12.04
CA LEU A 104 -11.91 20.88 10.65
C LEU A 104 -11.25 21.93 9.80
N VAL A 105 -10.69 21.52 8.66
CA VAL A 105 -10.02 22.42 7.72
C VAL A 105 -10.98 23.53 7.22
N LYS A 106 -10.49 24.77 7.26
CA LYS A 106 -11.25 25.92 6.82
C LYS A 106 -11.26 26.02 5.30
N LEU A 107 -12.45 26.14 4.72
CA LEU A 107 -12.59 26.51 3.32
C LEU A 107 -12.53 28.03 3.23
N GLU A 108 -11.49 28.52 2.55
CA GLU A 108 -11.19 29.95 2.49
C GLU A 108 -11.81 30.62 1.28
N PHE A 109 -11.67 30.00 0.10
CA PHE A 109 -12.24 30.50 -1.15
C PHE A 109 -12.75 29.36 -2.02
N SER A 110 -13.81 29.62 -2.77
CA SER A 110 -14.25 28.74 -3.86
C SER A 110 -14.59 29.55 -5.09
N PHE A 111 -14.16 29.03 -6.24
CA PHE A 111 -14.41 29.66 -7.54
C PHE A 111 -14.29 28.65 -8.67
N LYS A 112 -14.58 29.09 -9.88
CA LYS A 112 -14.57 28.24 -11.07
C LYS A 112 -14.23 29.05 -12.30
N ASP A 113 -13.64 28.39 -13.29
CA ASP A 113 -13.40 28.98 -14.61
C ASP A 113 -14.00 28.09 -15.71
N ASN A 114 -13.53 28.23 -16.95
CA ASN A 114 -14.05 27.42 -18.07
C ASN A 114 -13.85 25.91 -17.91
N SER A 115 -12.75 25.51 -17.28
CA SER A 115 -12.35 24.12 -17.18
C SER A 115 -12.53 23.48 -15.79
N ASN A 116 -12.26 24.25 -14.74
CA ASN A 116 -12.09 23.69 -13.40
C ASN A 116 -12.96 24.28 -12.31
N LEU A 117 -13.12 23.51 -11.24
CA LEU A 117 -13.65 24.00 -9.97
C LEU A 117 -12.50 24.13 -9.00
N TYR A 118 -12.54 25.17 -8.17
CA TYR A 118 -11.44 25.44 -7.24
C TYR A 118 -11.95 25.57 -5.82
N MET A 119 -11.35 24.78 -4.92
CA MET A 119 -11.61 24.91 -3.49
C MET A 119 -10.30 25.20 -2.76
N VAL A 120 -10.22 26.42 -2.25
CA VAL A 120 -9.00 26.91 -1.59
C VAL A 120 -9.17 26.74 -0.08
N MET A 121 -8.40 25.83 0.48
CA MET A 121 -8.51 25.47 1.90
C MET A 121 -7.25 25.85 2.68
N GLU A 122 -7.40 25.95 4.00
N GLU A 122 -7.39 25.95 4.00
CA GLU A 122 -6.31 26.12 4.97
CA GLU A 122 -6.28 26.18 4.91
C GLU A 122 -5.20 25.10 4.68
C GLU A 122 -5.20 25.12 4.70
N TYR A 123 -3.95 25.57 4.57
CA TYR A 123 -2.80 24.68 4.37
C TYR A 123 -2.37 24.09 5.71
N VAL A 124 -2.31 22.76 5.76
CA VAL A 124 -1.92 22.03 6.96
C VAL A 124 -0.55 21.40 6.69
N PRO A 125 0.54 22.01 7.24
CA PRO A 125 1.90 21.75 6.78
C PRO A 125 2.56 20.42 7.22
N GLY A 126 2.08 19.83 8.30
CA GLY A 126 2.74 18.67 8.92
C GLY A 126 2.46 17.29 8.37
N GLY A 127 1.65 17.21 7.31
CA GLY A 127 1.32 15.94 6.67
C GLY A 127 0.30 15.09 7.41
N GLU A 128 0.10 13.87 6.92
CA GLU A 128 -0.91 12.94 7.43
C GLU A 128 -0.45 12.19 8.68
N MET A 129 -1.43 11.81 9.53
CA MET A 129 -1.13 10.95 10.67
CA MET A 129 -1.20 10.92 10.67
C MET A 129 -0.61 9.59 10.20
N PHE A 130 -1.11 9.12 9.05
CA PHE A 130 -0.60 7.90 8.39
C PHE A 130 0.92 7.96 8.28
N SER A 131 1.42 9.05 7.70
CA SER A 131 2.85 9.28 7.52
C SER A 131 3.61 9.37 8.84
N HIS A 132 3.00 10.02 9.83
CA HIS A 132 3.58 10.13 11.18
C HIS A 132 3.71 8.75 11.85
N LEU A 133 2.67 7.92 11.72
CA LEU A 133 2.70 6.53 12.18
C LEU A 133 3.75 5.68 11.46
N ARG A 134 3.83 5.83 10.13
CA ARG A 134 4.83 5.17 9.30
C ARG A 134 6.27 5.54 9.72
N ARG A 135 6.46 6.79 10.16
CA ARG A 135 7.78 7.30 10.55
C ARG A 135 8.20 6.98 11.98
N ILE A 136 7.27 7.07 12.95
CA ILE A 136 7.65 6.92 14.37
C ILE A 136 7.14 5.64 15.09
N GLY A 137 6.16 4.94 14.49
CA GLY A 137 5.61 3.74 15.12
C GLY A 137 4.53 4.07 16.15
N ARG A 138 4.26 3.12 17.06
CA ARG A 138 3.17 3.27 18.03
C ARG A 138 3.36 4.48 18.95
N PHE A 139 2.25 5.10 19.32
CA PHE A 139 2.28 6.24 20.23
C PHE A 139 2.03 5.71 21.63
N SER A 140 2.61 6.38 22.64
CA SER A 140 2.26 6.13 24.03
C SER A 140 0.77 6.44 24.23
N GLU A 141 0.17 5.81 25.23
CA GLU A 141 -1.24 6.08 25.57
C GLU A 141 -1.57 7.57 25.82
N PRO A 142 -0.72 8.32 26.58
CA PRO A 142 -0.97 9.77 26.67
C PRO A 142 -0.98 10.51 25.33
N HIS A 143 -0.10 10.08 24.40
CA HIS A 143 -0.03 10.71 23.08
C HIS A 143 -1.23 10.33 22.21
N ALA A 144 -1.62 9.05 22.26
CA ALA A 144 -2.83 8.58 21.61
C ALA A 144 -4.08 9.33 22.10
N ARG A 145 -4.13 9.58 23.40
CA ARG A 145 -5.22 10.30 24.08
C ARG A 145 -5.37 11.74 23.61
N PHE A 146 -4.25 12.42 23.38
CA PHE A 146 -4.22 13.79 22.85
C PHE A 146 -4.96 13.89 21.53
N TYR A 147 -4.61 13.00 20.59
CA TYR A 147 -5.25 12.94 19.28
C TYR A 147 -6.70 12.46 19.36
N ALA A 148 -6.94 11.41 20.15
CA ALA A 148 -8.28 10.87 20.37
C ALA A 148 -9.27 11.93 20.87
N ALA A 149 -8.80 12.78 21.79
CA ALA A 149 -9.64 13.82 22.40
C ALA A 149 -10.19 14.80 21.35
N GLN A 150 -9.34 15.14 20.38
CA GLN A 150 -9.72 16.05 19.30
C GLN A 150 -10.77 15.42 18.37
N ILE A 151 -10.67 14.11 18.15
CA ILE A 151 -11.64 13.39 17.30
C ILE A 151 -13.00 13.32 18.01
N VAL A 152 -12.98 12.99 19.30
CA VAL A 152 -14.19 12.97 20.14
C VAL A 152 -14.98 14.28 20.03
N LEU A 153 -14.29 15.40 20.23
CA LEU A 153 -14.90 16.74 20.14
C LEU A 153 -15.37 17.08 18.72
N THR A 154 -14.63 16.62 17.72
CA THR A 154 -15.01 16.80 16.32
C THR A 154 -16.30 16.05 15.98
N PHE A 155 -16.39 14.79 16.40
CA PHE A 155 -17.59 13.98 16.17
C PHE A 155 -18.78 14.45 16.98
N GLU A 156 -18.53 14.90 18.21
CA GLU A 156 -19.56 15.57 19.01
C GLU A 156 -20.18 16.72 18.22
N TYR A 157 -19.32 17.59 17.70
CA TYR A 157 -19.74 18.73 16.87
C TYR A 157 -20.51 18.31 15.61
N LEU A 158 -19.94 17.40 14.82
CA LEU A 158 -20.53 16.95 13.56
C LEU A 158 -21.89 16.25 13.74
N HIS A 159 -21.97 15.34 14.72
CA HIS A 159 -23.21 14.62 15.01
C HIS A 159 -24.34 15.53 15.49
N SER A 160 -23.99 16.61 16.20
CA SER A 160 -24.98 17.61 16.65
C SER A 160 -25.66 18.33 15.48
N LEU A 161 -25.01 18.31 14.31
CA LEU A 161 -25.53 18.88 13.07
C LEU A 161 -26.12 17.79 12.14
N ASP A 162 -26.29 16.59 12.67
CA ASP A 162 -26.81 15.41 11.92
C ASP A 162 -25.90 14.95 10.77
N LEU A 163 -24.60 15.24 10.89
CA LEU A 163 -23.63 14.82 9.88
C LEU A 163 -22.91 13.56 10.35
N ILE A 164 -22.94 12.52 9.52
CA ILE A 164 -22.09 11.35 9.71
C ILE A 164 -20.84 11.58 8.86
N TYR A 165 -19.68 11.37 9.45
CA TYR A 165 -18.42 11.57 8.74
C TYR A 165 -18.04 10.38 7.85
N ARG A 166 -18.06 9.19 8.43
CA ARG A 166 -17.80 7.88 7.77
C ARG A 166 -16.59 7.79 6.81
N ASP A 167 -15.52 8.51 7.14
CA ASP A 167 -14.24 8.36 6.43
C ASP A 167 -13.04 8.58 7.36
N LEU A 168 -13.19 8.18 8.63
CA LEU A 168 -12.07 8.30 9.56
C LEU A 168 -11.05 7.22 9.26
N LYS A 169 -9.81 7.67 9.09
CA LYS A 169 -8.63 6.83 8.86
C LYS A 169 -7.39 7.72 9.02
N PRO A 170 -6.20 7.14 9.34
CA PRO A 170 -5.01 7.98 9.56
C PRO A 170 -4.67 8.93 8.40
N GLU A 171 -4.90 8.49 7.17
CA GLU A 171 -4.65 9.30 5.96
C GLU A 171 -5.44 10.61 5.89
N ASN A 172 -6.60 10.66 6.55
CA ASN A 172 -7.49 11.83 6.51
C ASN A 172 -7.29 12.82 7.67
N LEU A 173 -6.30 12.53 8.50
CA LEU A 173 -5.97 13.40 9.62
C LEU A 173 -4.62 14.08 9.38
N LEU A 174 -4.67 15.39 9.15
CA LEU A 174 -3.45 16.17 8.93
C LEU A 174 -3.05 16.91 10.21
N ILE A 175 -1.75 17.06 10.41
CA ILE A 175 -1.17 17.66 11.62
C ILE A 175 -0.70 19.08 11.28
N ASP A 176 -1.18 20.07 12.04
CA ASP A 176 -0.84 21.48 11.79
C ASP A 176 0.44 21.92 12.54
N GLN A 177 0.81 23.20 12.41
CA GLN A 177 2.05 23.73 13.00
C GLN A 177 2.08 23.66 14.53
N GLN A 178 0.89 23.60 15.13
CA GLN A 178 0.73 23.43 16.58
C GLN A 178 0.65 21.96 17.00
N GLY A 179 0.74 21.06 16.03
CA GLY A 179 0.68 19.62 16.28
C GLY A 179 -0.74 19.09 16.49
N TYR A 180 -1.74 19.91 16.18
CA TYR A 180 -3.15 19.53 16.32
C TYR A 180 -3.72 18.98 15.02
N ILE A 181 -4.74 18.14 15.15
CA ILE A 181 -5.41 17.51 14.01
C ILE A 181 -6.27 18.52 13.23
N GLN A 182 -6.15 18.44 11.90
CA GLN A 182 -7.07 19.09 10.98
C GLN A 182 -7.67 17.98 10.11
N VAL A 183 -8.99 17.81 10.21
CA VAL A 183 -9.70 16.76 9.47
C VAL A 183 -9.98 17.25 8.05
N THR A 184 -9.46 16.51 7.06
CA THR A 184 -9.77 16.73 5.66
C THR A 184 -10.59 15.58 5.09
N ASP A 185 -11.06 15.76 3.85
CA ASP A 185 -11.78 14.76 3.08
C ASP A 185 -13.19 14.54 3.63
N PHE A 186 -14.12 15.36 3.14
CA PHE A 186 -15.53 15.23 3.44
C PHE A 186 -16.27 14.49 2.31
N GLY A 187 -15.51 13.63 1.61
CA GLY A 187 -16.00 12.87 0.46
C GLY A 187 -17.18 11.94 0.72
N PHE A 188 -17.29 11.42 1.94
CA PHE A 188 -18.39 10.53 2.29
C PHE A 188 -19.35 11.11 3.33
N ALA A 189 -19.06 12.32 3.82
CA ALA A 189 -19.90 13.01 4.80
C ALA A 189 -21.33 13.19 4.28
N LYS A 190 -22.31 12.95 5.14
CA LYS A 190 -23.73 12.97 4.74
C LYS A 190 -24.58 13.55 5.87
N ARG A 191 -25.41 14.53 5.55
CA ARG A 191 -26.42 15.01 6.50
C ARG A 191 -27.59 14.04 6.46
N VAL A 192 -27.71 13.24 7.52
CA VAL A 192 -28.80 12.27 7.62
C VAL A 192 -29.36 12.10 9.02
N LYS A 193 -30.69 12.19 9.06
CA LYS A 193 -31.50 11.86 10.21
C LYS A 193 -31.99 10.44 9.98
N GLY A 194 -31.63 9.54 10.89
CA GLY A 194 -32.02 8.13 10.78
C GLY A 194 -30.94 7.27 10.17
N ARG A 195 -31.35 6.37 9.26
CA ARG A 195 -30.48 5.33 8.71
C ARG A 195 -30.05 5.58 7.26
N THR A 196 -28.88 5.05 6.91
CA THR A 196 -28.42 4.96 5.52
C THR A 196 -27.67 3.64 5.30
N TRP A 197 -27.33 3.29 4.05
CA TRP A 197 -26.78 1.96 3.77
C TRP A 197 -25.45 1.89 3.01
N TPO A 198 -25.04 2.98 2.36
CA TPO A 198 -23.89 2.96 1.41
CB TPO A 198 -23.60 4.35 0.85
CG2 TPO A 198 -22.46 4.39 -0.15
OG1 TPO A 198 -24.78 4.84 0.20
P TPO A 198 -25.33 6.19 0.90
O1P TPO A 198 -24.35 7.30 0.59
O2P TPO A 198 -25.44 6.00 2.38
O3P TPO A 198 -26.67 6.45 0.27
C TPO A 198 -22.65 2.34 2.00
O TPO A 198 -22.18 2.73 3.07
N LEU A 199 -22.11 1.34 1.29
CA LEU A 199 -20.83 0.75 1.63
C LEU A 199 -19.73 1.65 1.09
N CYS A 200 -19.20 2.50 1.98
CA CYS A 200 -18.12 3.43 1.67
C CYS A 200 -17.15 3.49 2.85
N GLY A 201 -15.91 3.89 2.56
CA GLY A 201 -14.84 3.96 3.56
C GLY A 201 -13.84 2.84 3.38
N THR A 202 -12.68 2.98 4.01
CA THR A 202 -11.62 1.95 3.93
C THR A 202 -12.01 0.73 4.78
N PRO A 203 -11.80 -0.51 4.26
CA PRO A 203 -12.20 -1.73 4.97
C PRO A 203 -11.82 -1.81 6.45
N GLU A 204 -10.59 -1.45 6.79
CA GLU A 204 -10.07 -1.55 8.17
C GLU A 204 -10.87 -0.79 9.23
N TYR A 205 -11.56 0.26 8.79
CA TYR A 205 -12.25 1.18 9.69
C TYR A 205 -13.78 1.05 9.68
N LEU A 206 -14.30 0.13 8.87
CA LEU A 206 -15.76 -0.06 8.73
C LEU A 206 -16.36 -0.77 9.95
N ALA A 207 -17.46 -0.20 10.45
CA ALA A 207 -18.29 -0.83 11.48
C ALA A 207 -19.01 -2.06 10.90
N PRO A 208 -19.35 -3.08 11.74
CA PRO A 208 -20.05 -4.28 11.23
C PRO A 208 -21.34 -3.95 10.46
N GLU A 209 -22.07 -2.93 10.91
CA GLU A 209 -23.36 -2.56 10.32
C GLU A 209 -23.26 -1.89 8.94
N ILE A 210 -22.07 -1.40 8.58
CA ILE A 210 -21.79 -0.93 7.21
C ILE A 210 -21.59 -2.14 6.29
N ILE A 211 -20.79 -3.11 6.75
CA ILE A 211 -20.50 -4.36 6.01
C ILE A 211 -21.78 -5.19 5.81
N LEU A 212 -22.54 -5.36 6.89
CA LEU A 212 -23.81 -6.09 6.86
C LEU A 212 -24.90 -5.24 6.18
N SER A 213 -25.92 -5.93 5.64
CA SER A 213 -26.95 -5.30 4.81
C SER A 213 -27.87 -4.33 5.57
N LYS A 214 -27.88 -4.39 6.90
CA LYS A 214 -28.67 -3.47 7.72
C LYS A 214 -28.21 -2.02 7.58
N GLY A 215 -29.14 -1.09 7.83
CA GLY A 215 -28.85 0.33 7.87
C GLY A 215 -27.94 0.71 9.02
N TYR A 216 -27.32 1.88 8.91
CA TYR A 216 -26.47 2.40 9.97
C TYR A 216 -26.71 3.89 10.21
N ASN A 217 -26.22 4.39 11.35
CA ASN A 217 -26.29 5.80 11.68
C ASN A 217 -24.93 6.33 12.14
N LYS A 218 -24.94 7.45 12.88
CA LYS A 218 -23.74 8.11 13.39
C LYS A 218 -22.81 7.22 14.25
N ALA A 219 -23.36 6.15 14.81
CA ALA A 219 -22.60 5.19 15.64
C ALA A 219 -21.37 4.61 14.94
N VAL A 220 -21.40 4.58 13.60
CA VAL A 220 -20.26 4.11 12.79
C VAL A 220 -18.99 4.94 12.98
N ASP A 221 -19.15 6.24 13.27
CA ASP A 221 -18.02 7.13 13.55
C ASP A 221 -17.33 6.74 14.87
N TRP A 222 -18.12 6.32 15.85
CA TRP A 222 -17.58 5.92 17.15
C TRP A 222 -16.82 4.59 17.09
N TRP A 223 -17.33 3.64 16.29
CA TRP A 223 -16.59 2.41 15.97
C TRP A 223 -15.24 2.77 15.33
N ALA A 224 -15.28 3.65 14.33
CA ALA A 224 -14.06 4.11 13.65
C ALA A 224 -13.08 4.77 14.62
N LEU A 225 -13.59 5.50 15.62
CA LEU A 225 -12.73 6.07 16.65
C LEU A 225 -11.98 4.97 17.42
N GLY A 226 -12.70 3.90 17.76
CA GLY A 226 -12.14 2.71 18.41
C GLY A 226 -10.97 2.11 17.63
N VAL A 227 -11.16 1.97 16.32
CA VAL A 227 -10.11 1.46 15.41
C VAL A 227 -8.88 2.39 15.45
N LEU A 228 -9.12 3.70 15.36
CA LEU A 228 -8.05 4.69 15.34
C LEU A 228 -7.21 4.71 16.62
N ILE A 229 -7.88 4.65 17.78
CA ILE A 229 -7.20 4.61 19.08
C ILE A 229 -6.35 3.34 19.19
N TYR A 230 -6.93 2.21 18.79
CA TYR A 230 -6.20 0.94 18.73
C TYR A 230 -4.96 1.07 17.85
N GLU A 231 -5.12 1.58 16.64
CA GLU A 231 -3.99 1.72 15.70
C GLU A 231 -2.89 2.65 16.24
N MET A 232 -3.28 3.79 16.82
CA MET A 232 -2.31 4.72 17.41
C MET A 232 -1.50 4.09 18.55
N ALA A 233 -2.19 3.40 19.44
CA ALA A 233 -1.55 2.78 20.60
C ALA A 233 -0.80 1.49 20.28
N ALA A 234 -1.26 0.73 19.27
CA ALA A 234 -0.60 -0.54 18.89
C ALA A 234 0.46 -0.39 17.81
N GLY A 235 0.28 0.59 16.92
CA GLY A 235 1.14 0.76 15.75
C GLY A 235 0.71 -0.08 14.55
N TYR A 236 -0.49 -0.66 14.64
CA TYR A 236 -1.13 -1.43 13.56
C TYR A 236 -2.65 -1.51 13.82
N PRO A 237 -3.46 -1.67 12.76
CA PRO A 237 -4.93 -1.76 12.92
C PRO A 237 -5.39 -3.05 13.63
N PRO A 238 -6.58 -3.02 14.28
CA PRO A 238 -7.07 -4.24 14.96
C PRO A 238 -7.53 -5.35 14.02
N PHE A 239 -7.97 -4.98 12.82
CA PHE A 239 -8.44 -5.93 11.83
C PHE A 239 -7.72 -5.68 10.52
N PHE A 240 -6.79 -6.57 10.18
CA PHE A 240 -6.14 -6.51 8.86
C PHE A 240 -5.94 -7.89 8.25
N ALA A 241 -6.06 -7.92 6.92
CA ALA A 241 -5.80 -9.09 6.09
C ALA A 241 -5.60 -8.61 4.66
N ASP A 242 -5.05 -9.50 3.81
CA ASP A 242 -4.82 -9.20 2.39
C ASP A 242 -6.12 -8.95 1.62
N GLN A 243 -7.15 -9.72 1.94
CA GLN A 243 -8.46 -9.66 1.26
C GLN A 243 -9.48 -8.90 2.13
N PRO A 244 -10.17 -7.89 1.55
CA PRO A 244 -11.23 -7.16 2.28
C PRO A 244 -12.28 -8.06 2.92
N ILE A 245 -12.75 -9.10 2.21
CA ILE A 245 -13.73 -10.06 2.77
C ILE A 245 -13.23 -10.68 4.09
N GLN A 246 -11.95 -11.06 4.14
CA GLN A 246 -11.36 -11.59 5.38
C GLN A 246 -11.34 -10.55 6.51
N ILE A 247 -11.07 -9.29 6.16
CA ILE A 247 -11.14 -8.16 7.11
C ILE A 247 -12.56 -8.05 7.68
N TYR A 248 -13.55 -8.06 6.79
CA TYR A 248 -14.97 -7.99 7.15
C TYR A 248 -15.38 -9.11 8.11
N GLU A 249 -14.94 -10.34 7.80
CA GLU A 249 -15.20 -11.51 8.62
C GLU A 249 -14.70 -11.31 10.06
N LYS A 250 -13.49 -10.77 10.20
CA LYS A 250 -12.93 -10.45 11.50
C LYS A 250 -13.71 -9.33 12.22
N ILE A 251 -14.08 -8.29 11.49
CA ILE A 251 -14.85 -7.15 12.05
C ILE A 251 -16.19 -7.62 12.63
N VAL A 252 -16.94 -8.41 11.85
CA VAL A 252 -18.28 -8.83 12.28
C VAL A 252 -18.24 -9.87 13.43
N SER A 253 -17.15 -10.63 13.51
CA SER A 253 -16.99 -11.73 14.49
C SER A 253 -16.96 -11.28 15.95
N GLY A 254 -16.48 -10.07 16.19
CA GLY A 254 -16.45 -9.51 17.54
C GLY A 254 -15.28 -9.93 18.41
N LYS A 255 -14.16 -10.29 17.78
CA LYS A 255 -12.93 -10.61 18.53
C LYS A 255 -11.76 -9.70 18.16
N VAL A 256 -11.25 -9.02 19.19
CA VAL A 256 -10.08 -8.16 19.07
C VAL A 256 -9.03 -8.68 20.06
N ARG A 257 -7.79 -8.77 19.58
CA ARG A 257 -6.65 -9.08 20.45
C ARG A 257 -5.95 -7.78 20.80
N PHE A 258 -5.83 -7.52 22.11
CA PHE A 258 -5.13 -6.33 22.59
C PHE A 258 -3.69 -6.67 22.94
N PRO A 259 -2.72 -5.82 22.50
CA PRO A 259 -1.34 -5.99 22.95
C PRO A 259 -1.22 -6.01 24.48
N SER A 260 -0.23 -6.74 24.99
CA SER A 260 -0.05 -6.88 26.45
C SER A 260 0.24 -5.54 27.17
N HIS A 261 0.75 -4.55 26.45
CA HIS A 261 1.07 -3.24 27.02
C HIS A 261 -0.14 -2.29 27.16
N PHE A 262 -1.27 -2.65 26.54
CA PHE A 262 -2.52 -1.87 26.65
C PHE A 262 -3.01 -1.86 28.09
N SER A 263 -3.22 -0.66 28.64
CA SER A 263 -3.76 -0.50 29.99
C SER A 263 -5.19 -1.05 30.09
N SER A 264 -5.60 -1.37 31.32
CA SER A 264 -6.95 -1.87 31.58
C SER A 264 -8.02 -0.85 31.16
N ASP A 265 -7.78 0.42 31.45
CA ASP A 265 -8.66 1.51 31.03
C ASP A 265 -8.80 1.59 29.52
N LEU A 266 -7.69 1.45 28.80
CA LEU A 266 -7.70 1.47 27.34
C LEU A 266 -8.50 0.30 26.77
N LYS A 267 -8.26 -0.90 27.29
CA LYS A 267 -8.98 -2.09 26.85
C LYS A 267 -10.50 -1.97 27.06
N ASP A 268 -10.91 -1.44 28.20
CA ASP A 268 -12.34 -1.29 28.50
C ASP A 268 -13.02 -0.28 27.56
N LEU A 269 -12.38 0.86 27.33
CA LEU A 269 -12.87 1.87 26.39
C LEU A 269 -12.99 1.27 24.98
N LEU A 270 -11.95 0.55 24.55
CA LEU A 270 -11.93 -0.07 23.22
C LEU A 270 -12.97 -1.16 23.05
N ARG A 271 -13.18 -1.99 24.08
CA ARG A 271 -14.23 -3.00 24.06
C ARG A 271 -15.63 -2.38 23.92
N ASN A 272 -15.81 -1.19 24.50
CA ASN A 272 -17.10 -0.49 24.43
C ASN A 272 -17.29 0.32 23.13
N LEU A 273 -16.20 0.81 22.54
CA LEU A 273 -16.26 1.46 21.23
C LEU A 273 -16.36 0.45 20.09
N LEU A 274 -15.62 -0.66 20.22
CA LEU A 274 -15.65 -1.75 19.25
C LEU A 274 -16.74 -2.77 19.62
N GLN A 275 -17.86 -2.25 20.11
CA GLN A 275 -19.04 -3.04 20.41
C GLN A 275 -19.79 -3.31 19.11
N VAL A 276 -19.89 -4.60 18.78
CA VAL A 276 -20.55 -5.09 17.55
C VAL A 276 -22.02 -4.67 17.50
N ASP A 277 -22.71 -4.75 18.64
CA ASP A 277 -24.10 -4.29 18.74
C ASP A 277 -24.13 -2.76 18.84
N LEU A 278 -24.52 -2.11 17.73
CA LEU A 278 -24.55 -0.64 17.62
C LEU A 278 -25.37 0.04 18.73
N THR A 279 -26.42 -0.65 19.18
CA THR A 279 -27.28 -0.15 20.26
C THR A 279 -26.62 -0.18 21.65
N LYS A 280 -25.50 -0.90 21.77
CA LYS A 280 -24.75 -1.03 23.03
C LYS A 280 -23.42 -0.26 23.03
N ARG A 281 -23.11 0.37 21.90
CA ARG A 281 -21.84 1.07 21.67
C ARG A 281 -21.76 2.44 22.34
N PHE A 282 -20.64 2.69 23.00
CA PHE A 282 -20.33 4.01 23.58
C PHE A 282 -20.37 5.09 22.50
N GLY A 283 -21.01 6.20 22.86
CA GLY A 283 -21.33 7.28 21.91
C GLY A 283 -22.74 7.18 21.38
N ASN A 284 -23.34 6.00 21.47
CA ASN A 284 -24.67 5.74 20.92
C ASN A 284 -25.71 5.39 22.00
N LEU A 285 -25.34 5.50 23.27
CA LEU A 285 -26.29 5.27 24.37
C LEU A 285 -27.06 6.57 24.73
N LYS A 286 -27.95 6.46 25.72
CA LYS A 286 -28.76 7.61 26.20
C LYS A 286 -27.88 8.79 26.63
N ASN A 287 -26.76 8.48 27.29
CA ASN A 287 -25.79 9.46 27.77
C ASN A 287 -24.94 10.09 26.65
N GLY A 288 -24.99 9.52 25.45
CA GLY A 288 -24.33 10.07 24.26
C GLY A 288 -22.82 10.12 24.36
N VAL A 289 -22.25 11.28 24.01
CA VAL A 289 -20.79 11.47 24.02
C VAL A 289 -20.17 11.39 25.43
N ASN A 290 -20.99 11.62 26.46
CA ASN A 290 -20.53 11.64 27.85
C ASN A 290 -19.99 10.30 28.36
N ASP A 291 -20.50 9.19 27.83
CA ASP A 291 -19.95 7.87 28.14
C ASP A 291 -18.47 7.73 27.71
N ILE A 292 -18.13 8.42 26.61
CA ILE A 292 -16.73 8.46 26.14
C ILE A 292 -15.93 9.50 26.94
N LYS A 293 -16.44 10.73 27.00
CA LYS A 293 -15.75 11.85 27.65
C LYS A 293 -15.46 11.60 29.14
N ASN A 294 -16.36 10.87 29.81
CA ASN A 294 -16.24 10.57 31.25
C ASN A 294 -15.59 9.22 31.58
N HIS A 295 -15.11 8.51 30.56
CA HIS A 295 -14.44 7.22 30.76
C HIS A 295 -13.10 7.41 31.48
N LYS A 296 -12.73 6.42 32.29
CA LYS A 296 -11.46 6.42 33.05
C LYS A 296 -10.22 6.69 32.20
N TRP A 297 -10.22 6.22 30.94
CA TRP A 297 -9.11 6.47 30.04
C TRP A 297 -8.94 7.96 29.70
N PHE A 298 -10.05 8.70 29.72
CA PHE A 298 -10.03 10.15 29.47
C PHE A 298 -9.99 11.01 30.74
N ALA A 299 -9.79 10.37 31.90
CA ALA A 299 -9.83 11.07 33.20
C ALA A 299 -8.93 12.30 33.29
N THR A 300 -7.72 12.21 32.73
CA THR A 300 -6.73 13.30 32.76
C THR A 300 -6.95 14.38 31.68
N THR A 301 -7.87 14.13 30.75
CA THR A 301 -8.12 15.02 29.61
C THR A 301 -8.87 16.29 30.04
N ASP A 302 -8.26 17.44 29.78
CA ASP A 302 -8.92 18.73 29.95
C ASP A 302 -9.56 19.10 28.62
N TRP A 303 -10.87 18.89 28.53
CA TRP A 303 -11.63 19.00 27.28
C TRP A 303 -11.68 20.42 26.73
N ILE A 304 -11.84 21.41 27.62
CA ILE A 304 -11.82 22.83 27.27
C ILE A 304 -10.44 23.23 26.73
N ALA A 305 -9.38 22.77 27.40
CA ALA A 305 -8.00 23.07 27.01
C ALA A 305 -7.65 22.48 25.64
N ILE A 306 -8.16 21.28 25.35
CA ILE A 306 -7.97 20.64 24.04
C ILE A 306 -8.65 21.49 22.95
N TYR A 307 -9.92 21.86 23.18
CA TYR A 307 -10.66 22.70 22.25
C TYR A 307 -9.94 24.01 21.96
N GLN A 308 -9.41 24.65 23.01
CA GLN A 308 -8.72 25.94 22.89
C GLN A 308 -7.27 25.79 22.39
N ARG A 309 -6.84 24.54 22.18
CA ARG A 309 -5.49 24.19 21.73
C ARG A 309 -4.39 24.67 22.69
N LYS A 310 -4.66 24.61 23.99
CA LYS A 310 -3.71 25.09 25.00
C LYS A 310 -2.78 23.99 25.53
N VAL A 311 -3.04 22.75 25.15
CA VAL A 311 -2.21 21.60 25.54
C VAL A 311 -1.05 21.48 24.55
N GLU A 312 0.17 21.38 25.06
CA GLU A 312 1.36 21.12 24.22
C GLU A 312 1.23 19.75 23.54
N ALA A 313 1.40 19.75 22.21
CA ALA A 313 1.31 18.54 21.39
C ALA A 313 2.54 17.64 21.55
N PRO A 314 2.40 16.31 21.28
CA PRO A 314 3.55 15.39 21.34
C PRO A 314 4.56 15.64 20.23
N PHE A 315 4.09 16.19 19.11
CA PHE A 315 4.88 16.29 17.89
C PHE A 315 4.60 17.62 17.19
N ILE A 316 5.65 18.39 16.95
CA ILE A 316 5.58 19.61 16.14
C ILE A 316 6.37 19.36 14.87
N PRO A 317 5.71 19.42 13.69
CA PRO A 317 6.39 19.20 12.42
C PRO A 317 7.49 20.23 12.14
N LYS A 318 8.55 19.80 11.47
CA LYS A 318 9.63 20.68 11.02
C LYS A 318 9.15 21.55 9.86
N PHE A 319 9.49 22.83 9.91
CA PHE A 319 9.07 23.79 8.87
C PHE A 319 9.89 23.63 7.59
N ASN A 327 7.34 16.29 4.87
CA ASN A 327 6.08 15.86 5.48
C ASN A 327 5.11 15.24 4.47
N PHE A 328 5.19 15.68 3.22
CA PHE A 328 4.35 15.17 2.12
C PHE A 328 5.18 14.41 1.08
N ASP A 329 4.56 13.42 0.47
CA ASP A 329 5.18 12.67 -0.64
C ASP A 329 5.24 13.50 -1.92
N ASP A 330 6.27 13.23 -2.73
CA ASP A 330 6.53 13.98 -3.96
C ASP A 330 5.65 13.55 -5.13
N TYR A 331 5.22 14.56 -5.91
CA TYR A 331 4.41 14.34 -7.11
C TYR A 331 4.96 15.16 -8.28
N GLU A 332 4.80 14.62 -9.50
CA GLU A 332 5.20 15.30 -10.73
C GLU A 332 4.32 16.51 -10.99
N GLU A 333 4.93 17.60 -11.43
CA GLU A 333 4.25 18.89 -11.62
C GLU A 333 3.60 19.01 -12.99
N GLU A 334 2.46 19.70 -13.03
CA GLU A 334 1.72 19.99 -14.26
C GLU A 334 1.04 21.36 -14.16
N GLU A 335 1.12 22.13 -15.23
CA GLU A 335 0.48 23.46 -15.33
C GLU A 335 -1.04 23.32 -15.42
N ILE A 336 -1.76 24.30 -14.85
CA ILE A 336 -3.22 24.37 -14.96
C ILE A 336 -3.60 24.89 -16.35
N ARG A 337 -4.15 23.99 -17.17
CA ARG A 337 -4.65 24.35 -18.49
C ARG A 337 -6.13 24.68 -18.41
N VAL A 338 -6.48 25.88 -18.87
CA VAL A 338 -7.84 26.39 -18.86
C VAL A 338 -8.26 26.64 -20.30
N SEP A 339 -9.36 26.01 -20.71
CA SEP A 339 -9.91 26.12 -22.07
CB SEP A 339 -11.02 25.08 -22.24
OG SEP A 339 -11.64 25.14 -23.52
C SEP A 339 -10.48 27.50 -22.31
O SEP A 339 -10.91 28.17 -21.37
P SEP A 339 -10.98 24.49 -24.85
O1P SEP A 339 -10.18 25.63 -25.43
O2P SEP A 339 -12.19 24.13 -25.69
O3P SEP A 339 -10.17 23.32 -24.38
N ILE A 340 -10.46 27.94 -23.57
CA ILE A 340 -11.10 29.20 -23.98
C ILE A 340 -12.63 29.08 -24.08
N ASN A 341 -13.12 27.84 -24.05
CA ASN A 341 -14.56 27.54 -24.09
C ASN A 341 -15.04 27.00 -22.74
N GLU A 342 -16.19 27.50 -22.28
CA GLU A 342 -16.78 27.05 -21.00
C GLU A 342 -17.30 25.61 -21.08
N LYS A 343 -16.86 24.80 -20.13
CA LYS A 343 -17.26 23.39 -20.07
C LYS A 343 -18.23 23.19 -18.92
N CYS A 344 -19.30 22.43 -19.19
CA CYS A 344 -20.28 21.99 -18.19
C CYS A 344 -20.82 23.15 -17.33
N GLY A 345 -21.11 24.27 -17.98
CA GLY A 345 -21.49 25.51 -17.30
C GLY A 345 -22.73 25.40 -16.43
N LYS A 346 -23.82 24.90 -17.03
CA LYS A 346 -25.09 24.76 -16.30
C LYS A 346 -25.03 23.69 -15.22
N GLU A 347 -24.30 22.61 -15.48
CA GLU A 347 -24.11 21.49 -14.53
C GLU A 347 -23.58 21.93 -13.16
N PHE A 348 -22.73 22.94 -13.15
CA PHE A 348 -22.12 23.45 -11.92
C PHE A 348 -22.58 24.87 -11.55
N SER A 349 -23.79 25.25 -12.00
CA SER A 349 -24.35 26.56 -11.70
C SER A 349 -24.43 26.88 -10.20
N GLU A 350 -24.74 25.86 -9.38
CA GLU A 350 -24.89 26.01 -7.93
CA GLU A 350 -24.88 26.07 -7.93
C GLU A 350 -23.55 25.95 -7.16
N PHE A 351 -22.47 25.65 -7.86
CA PHE A 351 -21.12 25.65 -7.26
C PHE A 351 -20.67 27.09 -7.05
N SER B 15 20.27 -38.65 -8.50
CA SER B 15 19.52 -38.09 -9.65
C SER B 15 19.31 -36.58 -9.54
N VAL B 16 18.93 -36.11 -8.34
CA VAL B 16 18.85 -34.67 -8.04
C VAL B 16 20.28 -34.10 -8.08
N LYS B 17 21.21 -34.83 -7.45
CA LYS B 17 22.64 -34.52 -7.48
C LYS B 17 23.17 -34.40 -8.92
N GLU B 18 22.83 -35.39 -9.76
CA GLU B 18 23.23 -35.41 -11.17
C GLU B 18 22.62 -34.26 -11.95
N PHE B 19 21.34 -33.98 -11.70
CA PHE B 19 20.63 -32.85 -12.30
C PHE B 19 21.34 -31.52 -11.99
N LEU B 20 21.69 -31.30 -10.73
CA LEU B 20 22.33 -30.05 -10.29
C LEU B 20 23.76 -29.91 -10.80
N ALA B 21 24.46 -31.04 -10.91
CA ALA B 21 25.80 -31.09 -11.51
C ALA B 21 25.77 -30.61 -12.97
N LYS B 22 24.80 -31.12 -13.73
CA LYS B 22 24.59 -30.71 -15.12
C LYS B 22 24.15 -29.23 -15.20
N ALA B 23 23.25 -28.84 -14.30
CA ALA B 23 22.78 -27.46 -14.20
C ALA B 23 23.90 -26.47 -13.93
N LYS B 24 24.84 -26.86 -13.07
CA LYS B 24 26.02 -26.07 -12.74
C LYS B 24 26.92 -25.86 -13.98
N GLU B 25 27.17 -26.94 -14.71
CA GLU B 25 27.92 -26.92 -15.97
C GLU B 25 27.25 -26.01 -17.02
N ASP B 26 25.93 -26.16 -17.18
CA ASP B 26 25.14 -25.34 -18.11
C ASP B 26 25.19 -23.85 -17.76
N PHE B 27 25.04 -23.55 -16.47
CA PHE B 27 25.13 -22.18 -15.94
C PHE B 27 26.48 -21.54 -16.24
N LEU B 28 27.56 -22.23 -15.88
CA LEU B 28 28.91 -21.70 -16.05
C LEU B 28 29.28 -21.43 -17.50
N LYS B 29 28.79 -22.27 -18.42
CA LYS B 29 29.01 -22.08 -19.86
C LYS B 29 28.41 -20.75 -20.33
N LYS B 30 27.16 -20.50 -19.93
CA LYS B 30 26.46 -19.27 -20.28
C LYS B 30 26.98 -18.04 -19.51
N TRP B 31 27.44 -18.24 -18.28
CA TRP B 31 28.04 -17.19 -17.45
C TRP B 31 29.34 -16.67 -18.08
N GLU B 32 30.17 -17.59 -18.56
CA GLU B 32 31.47 -17.28 -19.17
C GLU B 32 31.37 -16.75 -20.60
N SER B 33 30.38 -17.24 -21.36
CA SER B 33 30.13 -16.77 -22.73
C SER B 33 28.65 -16.37 -22.93
N PRO B 34 28.28 -15.15 -22.48
CA PRO B 34 26.87 -14.74 -22.56
C PRO B 34 26.35 -14.47 -23.97
N ALA B 35 25.05 -14.72 -24.17
CA ALA B 35 24.38 -14.44 -25.43
C ALA B 35 24.09 -12.94 -25.58
N GLN B 36 24.38 -12.42 -26.76
CA GLN B 36 24.18 -11.00 -27.10
C GLN B 36 23.44 -10.85 -28.42
N ASN B 37 22.64 -9.77 -28.54
CA ASN B 37 21.88 -9.43 -29.76
C ASN B 37 21.20 -10.62 -30.45
N THR B 38 20.31 -11.30 -29.74
CA THR B 38 19.66 -12.52 -30.26
C THR B 38 18.34 -12.25 -31.00
N ALA B 39 17.98 -10.97 -31.10
CA ALA B 39 16.79 -10.49 -31.82
C ALA B 39 16.95 -9.01 -32.16
N HIS B 40 16.00 -8.43 -32.88
CA HIS B 40 15.92 -6.97 -33.05
C HIS B 40 14.49 -6.44 -32.91
N LEU B 41 14.37 -5.12 -32.73
CA LEU B 41 13.12 -4.50 -32.29
C LEU B 41 11.92 -4.75 -33.21
N ASP B 42 12.13 -4.63 -34.52
CA ASP B 42 11.04 -4.78 -35.51
C ASP B 42 10.46 -6.20 -35.64
N GLN B 43 11.09 -7.17 -34.96
CA GLN B 43 10.61 -8.56 -34.92
C GLN B 43 9.46 -8.73 -33.92
N PHE B 44 9.11 -7.66 -33.22
CA PHE B 44 8.06 -7.69 -32.19
C PHE B 44 7.01 -6.61 -32.44
N GLU B 45 5.74 -7.01 -32.35
CA GLU B 45 4.62 -6.08 -32.41
C GLU B 45 4.25 -5.65 -30.99
N ARG B 46 4.29 -4.34 -30.74
CA ARG B 46 4.06 -3.80 -29.40
C ARG B 46 2.58 -3.54 -29.17
N ILE B 47 2.05 -4.13 -28.09
CA ILE B 47 0.62 -4.11 -27.82
C ILE B 47 0.26 -3.09 -26.73
N LYS B 48 0.91 -3.21 -25.56
CA LYS B 48 0.43 -2.58 -24.33
C LYS B 48 1.58 -2.42 -23.31
N THR B 49 1.58 -1.30 -22.58
CA THR B 49 2.53 -1.11 -21.48
C THR B 49 2.01 -1.82 -20.23
N LEU B 50 2.85 -2.69 -19.65
CA LEU B 50 2.51 -3.48 -18.46
C LEU B 50 2.99 -2.87 -17.15
N GLY B 51 4.01 -2.01 -17.24
CA GLY B 51 4.56 -1.32 -16.08
C GLY B 51 5.64 -0.33 -16.47
N THR B 52 5.86 0.65 -15.60
CA THR B 52 6.83 1.73 -15.86
C THR B 52 7.68 2.03 -14.62
N GLY B 53 8.98 2.26 -14.86
CA GLY B 53 9.91 2.61 -13.78
C GLY B 53 10.59 3.94 -14.03
N SER B 54 11.60 4.24 -13.22
CA SER B 54 12.36 5.50 -13.33
C SER B 54 13.28 5.55 -14.55
N PHE B 55 13.81 4.40 -14.97
CA PHE B 55 14.70 4.34 -16.14
C PHE B 55 14.31 3.29 -17.19
N GLY B 56 13.05 2.86 -17.15
CA GLY B 56 12.54 1.88 -18.10
C GLY B 56 11.06 1.56 -18.02
N ARG B 57 10.63 0.63 -18.88
CA ARG B 57 9.24 0.17 -18.95
C ARG B 57 9.17 -1.28 -19.42
N VAL B 58 8.06 -1.94 -19.11
CA VAL B 58 7.79 -3.29 -19.62
C VAL B 58 6.56 -3.24 -20.55
N MET B 59 6.76 -3.74 -21.77
CA MET B 59 5.70 -3.81 -22.77
C MET B 59 5.28 -5.23 -23.08
N LEU B 60 3.97 -5.44 -23.20
CA LEU B 60 3.45 -6.66 -23.81
C LEU B 60 3.70 -6.58 -25.30
N VAL B 61 4.36 -7.61 -25.85
CA VAL B 61 4.67 -7.70 -27.27
C VAL B 61 4.25 -9.05 -27.85
N LYS B 62 4.00 -9.09 -29.15
CA LYS B 62 3.89 -10.35 -29.88
C LYS B 62 5.09 -10.49 -30.81
N HIS B 63 5.79 -11.60 -30.66
CA HIS B 63 6.87 -12.00 -31.56
C HIS B 63 6.23 -12.38 -32.90
N LYS B 64 6.55 -11.59 -33.94
CA LYS B 64 5.86 -11.68 -35.23
C LYS B 64 5.92 -13.07 -35.88
N GLU B 65 7.12 -13.64 -35.98
CA GLU B 65 7.34 -14.92 -36.69
C GLU B 65 6.61 -16.11 -36.05
N THR B 66 6.61 -16.17 -34.73
CA THR B 66 6.05 -17.32 -34.00
C THR B 66 4.64 -17.06 -33.50
N GLY B 67 4.29 -15.79 -33.32
CA GLY B 67 3.01 -15.40 -32.70
C GLY B 67 3.01 -15.48 -31.18
N ASN B 68 4.15 -15.84 -30.60
CA ASN B 68 4.29 -15.95 -29.14
C ASN B 68 4.25 -14.58 -28.48
N HIS B 69 3.62 -14.51 -27.32
CA HIS B 69 3.53 -13.26 -26.57
C HIS B 69 4.61 -13.16 -25.50
N TYR B 70 5.26 -12.00 -25.42
CA TYR B 70 6.34 -11.76 -24.45
C TYR B 70 6.20 -10.44 -23.71
N ALA B 71 6.87 -10.36 -22.57
CA ALA B 71 7.04 -9.11 -21.83
C ALA B 71 8.43 -8.55 -22.13
N MET B 72 8.47 -7.41 -22.80
CA MET B 72 9.72 -6.78 -23.21
C MET B 72 10.07 -5.63 -22.28
N LYS B 73 11.14 -5.83 -21.51
CA LYS B 73 11.70 -4.78 -20.66
C LYS B 73 12.62 -3.89 -21.47
N ILE B 74 12.30 -2.59 -21.48
CA ILE B 74 13.04 -1.60 -22.25
C ILE B 74 13.72 -0.65 -21.26
N LEU B 75 15.05 -0.63 -21.29
CA LEU B 75 15.82 0.25 -20.39
C LEU B 75 16.53 1.34 -21.18
N ASP B 76 16.33 2.57 -20.74
CA ASP B 76 16.96 3.76 -21.33
C ASP B 76 18.41 3.86 -20.86
N LYS B 77 19.34 3.67 -21.79
CA LYS B 77 20.79 3.67 -21.51
C LYS B 77 21.29 4.93 -20.81
N GLN B 78 20.87 6.09 -21.31
CA GLN B 78 21.22 7.38 -20.72
C GLN B 78 20.74 7.50 -19.28
N LYS B 79 19.51 7.05 -19.03
CA LYS B 79 18.92 7.07 -17.69
C LYS B 79 19.59 6.07 -16.73
N VAL B 80 19.94 4.89 -17.25
CA VAL B 80 20.68 3.86 -16.48
C VAL B 80 22.01 4.44 -16.00
N VAL B 81 22.72 5.11 -16.91
CA VAL B 81 24.02 5.73 -16.63
C VAL B 81 23.88 6.85 -15.60
N LYS B 82 22.90 7.74 -15.80
CA LYS B 82 22.66 8.89 -14.92
C LYS B 82 22.34 8.45 -13.48
N LEU B 83 21.59 7.37 -13.34
CA LEU B 83 21.19 6.83 -12.03
C LEU B 83 22.19 5.81 -11.44
N LYS B 84 23.38 5.73 -12.02
CA LYS B 84 24.49 4.86 -11.56
C LYS B 84 24.15 3.36 -11.53
N GLN B 85 23.41 2.89 -12.52
CA GLN B 85 22.94 1.51 -12.54
C GLN B 85 23.59 0.62 -13.61
N ILE B 86 24.75 1.05 -14.12
CA ILE B 86 25.44 0.35 -15.24
C ILE B 86 25.78 -1.09 -14.86
N GLU B 87 26.59 -1.27 -13.80
CA GLU B 87 26.99 -2.61 -13.38
C GLU B 87 25.83 -3.46 -12.85
N HIS B 88 24.90 -2.86 -12.13
CA HIS B 88 23.70 -3.56 -11.68
C HIS B 88 22.92 -4.17 -12.85
N THR B 89 22.71 -3.36 -13.90
CA THR B 89 22.00 -3.80 -15.11
C THR B 89 22.74 -4.93 -15.83
N LEU B 90 24.05 -4.76 -16.02
CA LEU B 90 24.86 -5.75 -16.75
C LEU B 90 24.91 -7.08 -16.00
N ASN B 91 25.15 -7.01 -14.69
CA ASN B 91 25.21 -8.20 -13.85
C ASN B 91 23.87 -8.95 -13.81
N GLU B 92 22.77 -8.20 -13.70
CA GLU B 92 21.43 -8.79 -13.66
C GLU B 92 21.06 -9.53 -14.95
N LYS B 93 21.33 -8.92 -16.10
CA LYS B 93 21.11 -9.58 -17.40
C LYS B 93 21.97 -10.83 -17.53
N ARG B 94 23.24 -10.72 -17.12
CA ARG B 94 24.18 -11.84 -17.15
C ARG B 94 23.67 -13.06 -16.37
N ILE B 95 23.15 -12.82 -15.15
CA ILE B 95 22.49 -13.87 -14.34
C ILE B 95 21.29 -14.46 -15.08
N LEU B 96 20.38 -13.59 -15.53
CA LEU B 96 19.13 -14.00 -16.17
C LEU B 96 19.31 -14.85 -17.42
N GLN B 97 20.29 -14.50 -18.25
CA GLN B 97 20.58 -15.26 -19.46
C GLN B 97 21.30 -16.59 -19.19
N ALA B 98 21.88 -16.72 -17.99
CA ALA B 98 22.64 -17.91 -17.58
C ALA B 98 21.83 -18.95 -16.80
N VAL B 99 20.69 -18.55 -16.23
CA VAL B 99 19.83 -19.47 -15.46
C VAL B 99 18.73 -20.10 -16.32
N ASN B 100 18.26 -21.27 -15.87
CA ASN B 100 17.23 -22.05 -16.56
C ASN B 100 16.54 -22.97 -15.54
N PHE B 101 15.27 -22.68 -15.24
CA PHE B 101 14.48 -23.49 -14.31
C PHE B 101 12.98 -23.29 -14.59
N PRO B 102 12.14 -24.34 -14.42
CA PRO B 102 10.71 -24.18 -14.75
C PRO B 102 9.99 -23.00 -14.07
N PHE B 103 10.38 -22.66 -12.85
CA PHE B 103 9.68 -21.62 -12.08
C PHE B 103 10.36 -20.25 -12.05
N LEU B 104 11.38 -20.08 -12.90
CA LEU B 104 11.99 -18.77 -13.15
C LEU B 104 11.49 -18.27 -14.51
N VAL B 105 11.09 -17.00 -14.58
CA VAL B 105 10.73 -16.41 -15.88
C VAL B 105 11.97 -16.41 -16.78
N LYS B 106 11.80 -16.99 -17.96
CA LYS B 106 12.86 -17.20 -18.94
C LYS B 106 13.17 -15.92 -19.70
N LEU B 107 14.44 -15.58 -19.80
CA LEU B 107 14.89 -14.58 -20.77
C LEU B 107 14.92 -15.27 -22.13
N GLU B 108 14.09 -14.79 -23.04
CA GLU B 108 13.96 -15.35 -24.39
C GLU B 108 14.96 -14.72 -25.36
N PHE B 109 15.01 -13.39 -25.37
CA PHE B 109 15.95 -12.64 -26.22
C PHE B 109 16.48 -11.43 -25.47
N SER B 110 17.68 -11.00 -25.84
CA SER B 110 18.17 -9.68 -25.46
C SER B 110 18.87 -9.03 -26.63
N PHE B 111 18.76 -7.70 -26.69
CA PHE B 111 19.42 -6.89 -27.72
C PHE B 111 19.48 -5.44 -27.27
N LYS B 112 20.17 -4.63 -28.07
CA LYS B 112 20.29 -3.20 -27.81
C LYS B 112 20.28 -2.42 -29.13
N ASP B 113 19.87 -1.17 -29.06
CA ASP B 113 20.03 -0.24 -30.17
C ASP B 113 20.77 1.02 -29.70
N ASN B 114 20.69 2.10 -30.47
CA ASN B 114 21.33 3.38 -30.12
C ASN B 114 20.85 3.97 -28.79
N SER B 115 19.59 3.73 -28.44
CA SER B 115 18.95 4.35 -27.27
C SER B 115 18.74 3.42 -26.07
N ASN B 116 18.39 2.17 -26.32
CA ASN B 116 17.87 1.29 -25.28
C ASN B 116 18.53 -0.08 -25.20
N LEU B 117 18.36 -0.70 -24.03
CA LEU B 117 18.61 -2.12 -23.83
C LEU B 117 17.26 -2.82 -23.77
N TYR B 118 17.21 -4.04 -24.30
CA TYR B 118 15.96 -4.79 -24.38
C TYR B 118 16.13 -6.20 -23.85
N MET B 119 15.23 -6.61 -22.96
CA MET B 119 15.18 -7.97 -22.47
C MET B 119 13.79 -8.53 -22.67
N VAL B 120 13.69 -9.52 -23.55
CA VAL B 120 12.41 -10.13 -23.93
C VAL B 120 12.21 -11.35 -23.05
N MET B 121 11.25 -11.25 -22.13
CA MET B 121 10.98 -12.29 -21.13
C MET B 121 9.69 -13.03 -21.48
N GLU B 122 9.56 -14.27 -21.00
CA GLU B 122 8.30 -15.03 -21.10
C GLU B 122 7.17 -14.18 -20.48
N TYR B 123 6.06 -14.05 -21.21
CA TYR B 123 4.89 -13.33 -20.69
C TYR B 123 4.09 -14.23 -19.76
N VAL B 124 3.86 -13.74 -18.54
CA VAL B 124 3.12 -14.51 -17.54
C VAL B 124 1.77 -13.82 -17.33
N PRO B 125 0.68 -14.43 -17.83
CA PRO B 125 -0.61 -13.71 -17.99
C PRO B 125 -1.48 -13.57 -16.73
N GLY B 126 -1.23 -14.37 -15.70
CA GLY B 126 -2.18 -14.51 -14.58
C GLY B 126 -2.05 -13.56 -13.41
N GLY B 127 -1.11 -12.61 -13.49
CA GLY B 127 -0.90 -11.63 -12.42
C GLY B 127 -0.08 -12.14 -11.25
N GLU B 128 0.07 -11.28 -10.24
CA GLU B 128 0.90 -11.55 -9.06
C GLU B 128 0.13 -12.38 -8.04
N MET B 129 0.87 -13.11 -7.21
N MET B 129 0.85 -13.12 -7.20
CA MET B 129 0.32 -13.81 -6.05
CA MET B 129 0.23 -13.81 -6.06
C MET B 129 -0.35 -12.83 -5.07
C MET B 129 -0.35 -12.84 -5.04
N PHE B 130 0.20 -11.62 -4.99
CA PHE B 130 -0.36 -10.50 -4.20
C PHE B 130 -1.82 -10.24 -4.58
N SER B 131 -2.06 -10.13 -5.89
CA SER B 131 -3.41 -9.90 -6.44
C SER B 131 -4.36 -11.06 -6.15
N HIS B 132 -3.84 -12.29 -6.22
CA HIS B 132 -4.63 -13.49 -5.94
C HIS B 132 -4.98 -13.58 -4.44
N LEU B 133 -4.02 -13.27 -3.57
CA LEU B 133 -4.28 -13.14 -2.13
C LEU B 133 -5.32 -12.05 -1.83
N ARG B 134 -5.17 -10.89 -2.46
CA ARG B 134 -6.10 -9.77 -2.32
C ARG B 134 -7.53 -10.14 -2.76
N ARG B 135 -7.64 -10.93 -3.82
CA ARG B 135 -8.94 -11.34 -4.36
C ARG B 135 -9.64 -12.45 -3.58
N ILE B 136 -8.90 -13.50 -3.21
CA ILE B 136 -9.52 -14.71 -2.60
C ILE B 136 -9.21 -14.99 -1.12
N GLY B 137 -8.25 -14.27 -0.54
CA GLY B 137 -7.91 -14.45 0.87
C GLY B 137 -6.99 -15.63 1.10
N ARG B 138 -7.02 -16.19 2.30
CA ARG B 138 -6.13 -17.28 2.70
C ARG B 138 -6.34 -18.56 1.90
N PHE B 139 -5.23 -19.24 1.64
CA PHE B 139 -5.26 -20.52 0.94
C PHE B 139 -5.33 -21.63 1.97
N SER B 140 -5.96 -22.73 1.59
CA SER B 140 -5.92 -23.97 2.37
C SER B 140 -4.47 -24.45 2.44
N GLU B 141 -4.16 -25.26 3.45
CA GLU B 141 -2.80 -25.81 3.60
C GLU B 141 -2.30 -26.61 2.37
N PRO B 142 -3.16 -27.47 1.74
CA PRO B 142 -2.73 -28.14 0.49
C PRO B 142 -2.43 -27.17 -0.65
N HIS B 143 -3.19 -26.08 -0.74
CA HIS B 143 -2.95 -25.09 -1.79
C HIS B 143 -1.69 -24.25 -1.54
N ALA B 144 -1.47 -23.87 -0.28
CA ALA B 144 -0.22 -23.22 0.15
C ALA B 144 0.99 -24.09 -0.13
N ARG B 145 0.84 -25.39 0.13
CA ARG B 145 1.88 -26.41 -0.08
C ARG B 145 2.32 -26.53 -1.53
N PHE B 146 1.35 -26.49 -2.44
CA PHE B 146 1.58 -26.51 -3.89
C PHE B 146 2.52 -25.39 -4.32
N TYR B 147 2.20 -24.16 -3.92
CA TYR B 147 3.03 -23.00 -4.24
C TYR B 147 4.40 -23.06 -3.54
N ALA B 148 4.38 -23.43 -2.25
CA ALA B 148 5.60 -23.51 -1.44
C ALA B 148 6.62 -24.49 -2.02
N ALA B 149 6.12 -25.62 -2.53
CA ALA B 149 6.93 -26.66 -3.17
C ALA B 149 7.76 -26.13 -4.34
N GLN B 150 7.17 -25.24 -5.12
CA GLN B 150 7.84 -24.61 -6.26
C GLN B 150 8.98 -23.70 -5.84
N ILE B 151 8.77 -22.91 -4.78
CA ILE B 151 9.80 -22.03 -4.22
C ILE B 151 10.97 -22.82 -3.62
N VAL B 152 10.67 -23.91 -2.92
CA VAL B 152 11.71 -24.80 -2.35
C VAL B 152 12.63 -25.30 -3.46
N LEU B 153 12.05 -25.86 -4.52
CA LEU B 153 12.82 -26.35 -5.67
C LEU B 153 13.61 -25.25 -6.38
N THR B 154 12.99 -24.08 -6.52
CA THR B 154 13.64 -22.90 -7.11
C THR B 154 14.87 -22.45 -6.31
N PHE B 155 14.71 -22.37 -4.99
CA PHE B 155 15.79 -21.95 -4.11
C PHE B 155 16.90 -22.99 -4.04
N GLU B 156 16.52 -24.28 -4.05
CA GLU B 156 17.48 -25.39 -4.22
C GLU B 156 18.35 -25.16 -5.45
N TYR B 157 17.70 -24.90 -6.60
CA TYR B 157 18.39 -24.58 -7.84
C TYR B 157 19.31 -23.35 -7.71
N LEU B 158 18.75 -22.23 -7.26
CA LEU B 158 19.50 -20.98 -7.17
C LEU B 158 20.70 -21.05 -6.22
N HIS B 159 20.50 -21.64 -5.04
CA HIS B 159 21.57 -21.71 -4.03
C HIS B 159 22.71 -22.66 -4.45
N SER B 160 22.39 -23.66 -5.27
CA SER B 160 23.40 -24.57 -5.84
C SER B 160 24.35 -23.85 -6.79
N LEU B 161 23.90 -22.73 -7.35
CA LEU B 161 24.72 -21.86 -8.22
C LEU B 161 25.34 -20.69 -7.46
N ASP B 162 25.24 -20.73 -6.12
CA ASP B 162 25.66 -19.65 -5.20
C ASP B 162 24.92 -18.31 -5.42
N LEU B 163 23.68 -18.39 -5.91
CA LEU B 163 22.84 -17.22 -6.11
C LEU B 163 21.86 -17.07 -4.95
N ILE B 164 21.87 -15.90 -4.33
CA ILE B 164 20.87 -15.57 -3.31
C ILE B 164 19.83 -14.68 -3.98
N TYR B 165 18.55 -15.01 -3.80
CA TYR B 165 17.47 -14.30 -4.49
C TYR B 165 17.14 -12.95 -3.85
N ARG B 166 16.91 -12.94 -2.53
CA ARG B 166 16.78 -11.71 -1.73
C ARG B 166 15.56 -10.82 -2.01
N ASP B 167 14.57 -11.32 -2.76
CA ASP B 167 13.40 -10.50 -3.04
C ASP B 167 12.09 -11.28 -3.09
N LEU B 168 11.98 -12.31 -2.23
CA LEU B 168 10.75 -13.08 -2.16
C LEU B 168 9.66 -12.28 -1.48
N LYS B 169 8.54 -12.15 -2.18
CA LYS B 169 7.32 -11.48 -1.72
C LYS B 169 6.23 -11.84 -2.73
N PRO B 170 4.94 -11.80 -2.34
CA PRO B 170 3.89 -12.23 -3.28
C PRO B 170 3.85 -11.43 -4.59
N GLU B 171 4.23 -10.15 -4.54
CA GLU B 171 4.32 -9.26 -5.72
C GLU B 171 5.23 -9.78 -6.83
N ASN B 172 6.26 -10.55 -6.44
CA ASN B 172 7.25 -11.09 -7.38
C ASN B 172 6.97 -12.51 -7.86
N LEU B 173 5.81 -13.04 -7.51
CA LEU B 173 5.40 -14.37 -7.93
C LEU B 173 4.26 -14.26 -8.93
N LEU B 174 4.59 -14.43 -10.20
CA LEU B 174 3.58 -14.38 -11.27
C LEU B 174 2.99 -15.77 -11.53
N ILE B 175 1.68 -15.80 -11.76
CA ILE B 175 0.97 -17.07 -11.97
C ILE B 175 0.75 -17.28 -13.48
N ASP B 176 1.22 -18.42 -14.00
CA ASP B 176 1.10 -18.72 -15.42
C ASP B 176 -0.24 -19.38 -15.79
N GLN B 177 -0.44 -19.67 -17.08
CA GLN B 177 -1.70 -20.25 -17.58
C GLN B 177 -2.00 -21.63 -16.98
N GLN B 178 -0.95 -22.34 -16.57
CA GLN B 178 -1.09 -23.62 -15.89
C GLN B 178 -1.25 -23.48 -14.37
N GLY B 179 -1.26 -22.23 -13.88
CA GLY B 179 -1.41 -21.96 -12.45
C GLY B 179 -0.14 -22.17 -11.64
N TYR B 180 1.00 -22.31 -12.33
CA TYR B 180 2.30 -22.44 -11.67
C TYR B 180 2.97 -21.08 -11.52
N ILE B 181 3.84 -20.98 -10.50
CA ILE B 181 4.61 -19.77 -10.21
C ILE B 181 5.73 -19.58 -11.23
N GLN B 182 5.89 -18.34 -11.68
CA GLN B 182 7.06 -17.87 -12.41
C GLN B 182 7.67 -16.75 -11.58
N VAL B 183 8.87 -17.00 -11.07
CA VAL B 183 9.58 -16.02 -10.24
C VAL B 183 10.16 -14.91 -11.12
N THR B 184 9.72 -13.68 -10.87
CA THR B 184 10.22 -12.48 -11.56
C THR B 184 11.07 -11.63 -10.61
N ASP B 185 11.76 -10.65 -11.18
CA ASP B 185 12.49 -9.60 -10.43
C ASP B 185 13.79 -10.11 -9.82
N PHE B 186 14.86 -10.04 -10.61
CA PHE B 186 16.21 -10.39 -10.16
C PHE B 186 17.03 -9.17 -9.74
N GLY B 187 16.33 -8.10 -9.36
CA GLY B 187 16.95 -6.83 -8.99
C GLY B 187 17.86 -6.85 -7.77
N PHE B 188 17.64 -7.81 -6.87
CA PHE B 188 18.48 -7.97 -5.68
C PHE B 188 19.32 -9.25 -5.69
N ALA B 189 19.14 -10.07 -6.72
CA ALA B 189 19.87 -11.33 -6.87
C ALA B 189 21.37 -11.09 -6.95
N LYS B 190 22.13 -11.94 -6.26
CA LYS B 190 23.58 -11.76 -6.11
C LYS B 190 24.26 -13.12 -6.09
N ARG B 191 25.33 -13.24 -6.89
CA ARG B 191 26.19 -14.42 -6.83
C ARG B 191 27.24 -14.15 -5.75
N VAL B 192 27.12 -14.84 -4.60
CA VAL B 192 28.08 -14.68 -3.51
C VAL B 192 28.38 -15.99 -2.78
N LYS B 193 29.67 -16.26 -2.62
CA LYS B 193 30.16 -17.46 -1.93
C LYS B 193 30.13 -17.28 -0.42
N GLY B 194 30.63 -16.13 0.06
CA GLY B 194 30.71 -15.83 1.49
C GLY B 194 29.44 -15.21 2.05
N ARG B 195 29.62 -14.09 2.76
CA ARG B 195 28.51 -13.34 3.33
C ARG B 195 28.44 -11.91 2.77
N THR B 196 27.28 -11.28 2.87
CA THR B 196 27.08 -9.89 2.44
C THR B 196 26.17 -9.14 3.43
N TRP B 197 25.97 -7.83 3.22
CA TRP B 197 25.35 -6.98 4.25
C TRP B 197 24.16 -6.11 3.81
N TPO B 198 23.98 -5.94 2.49
CA TPO B 198 23.07 -4.91 1.95
CB TPO B 198 23.11 -4.87 0.42
CG2 TPO B 198 22.25 -3.75 -0.15
OG1 TPO B 198 24.46 -4.67 -0.03
P TPO B 198 24.97 -5.92 -0.92
O1P TPO B 198 26.45 -5.69 -1.16
O2P TPO B 198 24.73 -7.18 -0.15
O3P TPO B 198 24.22 -5.94 -2.22
C TPO B 198 21.67 -5.08 2.47
O TPO B 198 21.08 -6.17 2.36
N LEU B 199 21.15 -4.01 3.07
CA LEU B 199 19.76 -3.97 3.49
C LEU B 199 18.87 -3.74 2.26
N CYS B 200 18.30 -4.82 1.76
CA CYS B 200 17.40 -4.77 0.61
C CYS B 200 16.27 -5.81 0.75
N GLY B 201 15.17 -5.55 0.06
CA GLY B 201 13.95 -6.35 0.18
C GLY B 201 12.88 -5.60 0.96
N THR B 202 11.65 -6.09 0.91
CA THR B 202 10.53 -5.49 1.63
C THR B 202 10.63 -5.86 3.14
N PRO B 203 10.39 -4.87 4.04
CA PRO B 203 10.53 -5.09 5.50
C PRO B 203 9.88 -6.36 6.04
N GLU B 204 8.68 -6.69 5.56
CA GLU B 204 7.89 -7.84 6.04
C GLU B 204 8.58 -9.20 5.83
N TYR B 205 9.46 -9.27 4.83
CA TYR B 205 10.12 -10.52 4.44
C TYR B 205 11.59 -10.65 4.86
N LEU B 206 12.13 -9.61 5.50
CA LEU B 206 13.54 -9.58 5.91
C LEU B 206 13.85 -10.52 7.08
N ALA B 207 14.86 -11.36 6.90
CA ALA B 207 15.45 -12.15 7.99
C ALA B 207 16.11 -11.22 9.04
N PRO B 208 16.18 -11.65 10.32
CA PRO B 208 16.79 -10.80 11.36
C PRO B 208 18.22 -10.35 11.04
N GLU B 209 19.02 -11.25 10.45
CA GLU B 209 20.41 -10.96 10.09
C GLU B 209 20.59 -9.90 8.98
N ILE B 210 19.54 -9.67 8.18
CA ILE B 210 19.52 -8.56 7.22
C ILE B 210 19.34 -7.22 7.95
N ILE B 211 18.37 -7.18 8.85
CA ILE B 211 18.07 -6.01 9.68
C ILE B 211 19.28 -5.66 10.57
N LEU B 212 19.85 -6.66 11.21
CA LEU B 212 20.98 -6.48 12.13
C LEU B 212 22.26 -6.29 11.33
N SER B 213 23.23 -5.62 11.94
CA SER B 213 24.47 -5.21 11.26
C SER B 213 25.35 -6.37 10.76
N LYS B 214 25.19 -7.55 11.37
CA LYS B 214 25.92 -8.76 10.95
C LYS B 214 25.66 -9.14 9.49
N GLY B 215 26.64 -9.83 8.91
CA GLY B 215 26.52 -10.37 7.55
C GLY B 215 25.53 -11.50 7.44
N TYR B 216 25.08 -11.75 6.21
CA TYR B 216 24.13 -12.82 5.94
C TYR B 216 24.45 -13.63 4.69
N ASN B 217 23.80 -14.78 4.55
CA ASN B 217 23.99 -15.66 3.39
C ASN B 217 22.65 -16.14 2.80
N LYS B 218 22.70 -17.26 2.07
CA LYS B 218 21.53 -17.84 1.40
C LYS B 218 20.36 -18.20 2.33
N ALA B 219 20.65 -18.34 3.63
CA ALA B 219 19.64 -18.65 4.66
C ALA B 219 18.53 -17.59 4.79
N VAL B 220 18.76 -16.39 4.25
CA VAL B 220 17.74 -15.35 4.26
C VAL B 220 16.55 -15.70 3.35
N ASP B 221 16.82 -16.41 2.26
CA ASP B 221 15.77 -16.90 1.34
C ASP B 221 14.85 -17.90 2.02
N TRP B 222 15.43 -18.75 2.86
CA TRP B 222 14.66 -19.73 3.63
C TRP B 222 13.78 -19.08 4.71
N TRP B 223 14.29 -18.02 5.35
CA TRP B 223 13.45 -17.19 6.23
C TRP B 223 12.25 -16.62 5.46
N ALA B 224 12.54 -16.00 4.30
CA ALA B 224 11.51 -15.41 3.46
C ALA B 224 10.45 -16.43 3.02
N LEU B 225 10.88 -17.66 2.77
CA LEU B 225 9.94 -18.75 2.46
C LEU B 225 8.97 -19.01 3.62
N GLY B 226 9.49 -18.99 4.84
CA GLY B 226 8.67 -19.11 6.06
C GLY B 226 7.59 -18.04 6.13
N VAL B 227 7.99 -16.79 5.86
CA VAL B 227 7.08 -15.64 5.82
C VAL B 227 6.00 -15.85 4.73
N LEU B 228 6.44 -16.30 3.56
CA LEU B 228 5.51 -16.58 2.44
C LEU B 228 4.48 -17.65 2.78
N ILE B 229 4.93 -18.78 3.36
CA ILE B 229 4.01 -19.86 3.73
C ILE B 229 2.99 -19.39 4.78
N TYR B 230 3.48 -18.70 5.82
CA TYR B 230 2.61 -18.08 6.82
C TYR B 230 1.55 -17.20 6.14
N GLU B 231 1.98 -16.27 5.28
CA GLU B 231 1.04 -15.35 4.61
C GLU B 231 -0.02 -16.05 3.75
N MET B 232 0.40 -17.05 2.96
CA MET B 232 -0.52 -17.83 2.12
C MET B 232 -1.58 -18.57 2.95
N ALA B 233 -1.14 -19.20 4.04
CA ALA B 233 -2.02 -19.97 4.91
C ALA B 233 -2.84 -19.11 5.88
N ALA B 234 -2.32 -17.94 6.26
CA ALA B 234 -3.04 -17.02 7.16
C ALA B 234 -3.92 -15.99 6.44
N GLY B 235 -3.48 -15.56 5.25
CA GLY B 235 -4.10 -14.44 4.56
C GLY B 235 -3.57 -13.09 5.00
N TYR B 236 -2.48 -13.10 5.78
CA TYR B 236 -1.76 -11.89 6.23
C TYR B 236 -0.35 -12.29 6.68
N PRO B 237 0.63 -11.35 6.59
CA PRO B 237 2.01 -11.69 6.95
C PRO B 237 2.21 -11.86 8.47
N PRO B 238 3.25 -12.61 8.89
CA PRO B 238 3.49 -12.84 10.33
C PRO B 238 3.98 -11.62 11.11
N PHE B 239 4.65 -10.69 10.42
CA PHE B 239 5.20 -9.49 11.03
C PHE B 239 4.73 -8.25 10.26
N PHE B 240 3.76 -7.55 10.84
CA PHE B 240 3.27 -6.30 10.26
C PHE B 240 3.11 -5.20 11.32
N ALA B 241 3.44 -3.98 10.90
CA ALA B 241 3.15 -2.75 11.64
C ALA B 241 3.23 -1.60 10.64
N ASP B 242 2.75 -0.41 11.06
CA ASP B 242 2.79 0.79 10.22
C ASP B 242 4.22 1.26 9.93
N GLN B 243 5.08 1.16 10.93
CA GLN B 243 6.48 1.60 10.84
C GLN B 243 7.41 0.40 10.62
N PRO B 244 8.31 0.48 9.59
CA PRO B 244 9.32 -0.56 9.36
C PRO B 244 10.14 -0.96 10.60
N ILE B 245 10.57 0.02 11.40
CA ILE B 245 11.33 -0.23 12.63
C ILE B 245 10.57 -1.14 13.62
N GLN B 246 9.26 -0.92 13.77
CA GLN B 246 8.43 -1.81 14.61
C GLN B 246 8.32 -3.22 14.04
N ILE B 247 8.20 -3.33 12.72
CA ILE B 247 8.25 -4.63 12.02
C ILE B 247 9.58 -5.33 12.31
N TYR B 248 10.68 -4.58 12.20
CA TYR B 248 12.04 -5.08 12.48
C TYR B 248 12.16 -5.61 13.91
N GLU B 249 11.60 -4.87 14.87
N GLU B 249 11.61 -4.86 14.87
CA GLU B 249 11.61 -5.24 16.28
CA GLU B 249 11.62 -5.25 16.29
C GLU B 249 10.92 -6.59 16.54
C GLU B 249 10.90 -6.57 16.57
N LYS B 250 9.77 -6.80 15.89
CA LYS B 250 9.03 -8.07 15.97
C LYS B 250 9.81 -9.24 15.32
N ILE B 251 10.38 -8.98 14.15
CA ILE B 251 11.22 -9.96 13.44
C ILE B 251 12.37 -10.46 14.32
N VAL B 252 13.14 -9.52 14.87
CA VAL B 252 14.35 -9.89 15.64
C VAL B 252 14.06 -10.57 16.98
N SER B 253 12.90 -10.26 17.57
CA SER B 253 12.48 -10.79 18.88
C SER B 253 12.33 -12.32 18.93
N GLY B 254 11.85 -12.91 17.84
CA GLY B 254 11.61 -14.35 17.78
C GLY B 254 10.22 -14.74 18.25
N LYS B 255 9.25 -13.85 18.05
CA LYS B 255 7.87 -14.08 18.49
C LYS B 255 6.89 -14.03 17.31
N VAL B 256 6.30 -15.19 17.02
CA VAL B 256 5.27 -15.32 15.99
C VAL B 256 4.02 -15.92 16.62
N ARG B 257 2.86 -15.34 16.30
CA ARG B 257 1.57 -15.91 16.68
C ARG B 257 0.97 -16.62 15.49
N PHE B 258 0.65 -17.91 15.64
CA PHE B 258 0.00 -18.69 14.59
C PHE B 258 -1.51 -18.68 14.78
N PRO B 259 -2.28 -18.58 13.67
CA PRO B 259 -3.74 -18.78 13.79
C PRO B 259 -4.07 -20.17 14.33
N SER B 260 -5.19 -20.31 15.03
CA SER B 260 -5.59 -21.60 15.62
C SER B 260 -5.87 -22.70 14.58
N HIS B 261 -6.20 -22.30 13.35
CA HIS B 261 -6.47 -23.27 12.27
C HIS B 261 -5.21 -23.90 11.64
N PHE B 262 -4.04 -23.30 11.89
CA PHE B 262 -2.74 -23.87 11.45
C PHE B 262 -2.54 -25.25 12.06
N SER B 263 -2.17 -26.22 11.23
CA SER B 263 -1.85 -27.57 11.70
C SER B 263 -0.57 -27.58 12.54
N SER B 264 -0.42 -28.59 13.40
CA SER B 264 0.82 -28.77 14.17
C SER B 264 2.04 -28.94 13.27
N ASP B 265 1.87 -29.63 12.14
CA ASP B 265 2.94 -29.81 11.15
C ASP B 265 3.36 -28.49 10.49
N LEU B 266 2.39 -27.66 10.13
CA LEU B 266 2.69 -26.33 9.55
C LEU B 266 3.42 -25.44 10.57
N LYS B 267 2.89 -25.39 11.79
CA LYS B 267 3.52 -24.63 12.88
C LYS B 267 4.97 -25.07 13.12
N ASP B 268 5.23 -26.38 13.13
CA ASP B 268 6.60 -26.91 13.30
C ASP B 268 7.55 -26.49 12.18
N LEU B 269 7.09 -26.61 10.92
CA LEU B 269 7.91 -26.17 9.79
C LEU B 269 8.24 -24.68 9.89
N LEU B 270 7.21 -23.87 10.20
CA LEU B 270 7.34 -22.42 10.27
C LEU B 270 8.27 -21.96 11.39
N ARG B 271 8.21 -22.63 12.55
CA ARG B 271 9.14 -22.36 13.66
C ARG B 271 10.60 -22.62 13.27
N ASN B 272 10.83 -23.65 12.46
CA ASN B 272 12.16 -24.00 11.96
C ASN B 272 12.66 -23.10 10.82
N LEU B 273 11.74 -22.61 9.98
CA LEU B 273 12.07 -21.62 8.93
C LEU B 273 12.22 -20.21 9.48
N LEU B 274 11.35 -19.85 10.42
CA LEU B 274 11.42 -18.55 11.10
C LEU B 274 12.27 -18.61 12.38
N GLN B 275 13.33 -19.42 12.32
CA GLN B 275 14.32 -19.53 13.37
C GLN B 275 15.27 -18.33 13.29
N VAL B 276 15.31 -17.53 14.36
CA VAL B 276 16.14 -16.32 14.41
C VAL B 276 17.62 -16.64 14.28
N ASP B 277 18.07 -17.70 14.95
CA ASP B 277 19.45 -18.17 14.83
C ASP B 277 19.65 -18.81 13.45
N LEU B 278 20.30 -18.09 12.55
CA LEU B 278 20.51 -18.55 11.16
C LEU B 278 21.25 -19.89 11.08
N THR B 279 22.11 -20.16 12.06
CA THR B 279 22.88 -21.41 12.14
C THR B 279 22.02 -22.61 12.58
N LYS B 280 20.80 -22.33 13.06
CA LYS B 280 19.84 -23.37 13.47
C LYS B 280 18.62 -23.48 12.52
N ARG B 281 18.58 -22.62 11.50
CA ARG B 281 17.45 -22.53 10.58
C ARG B 281 17.45 -23.64 9.55
N PHE B 282 16.27 -24.21 9.30
CA PHE B 282 16.04 -25.19 8.24
C PHE B 282 16.39 -24.60 6.88
N GLY B 283 17.04 -25.42 6.05
CA GLY B 283 17.63 -24.97 4.80
C GLY B 283 19.11 -24.64 4.95
N ASN B 284 19.55 -24.29 6.16
CA ASN B 284 20.94 -23.87 6.41
C ASN B 284 21.78 -24.85 7.24
N LEU B 285 21.24 -26.05 7.50
CA LEU B 285 21.95 -27.07 8.28
C LEU B 285 22.79 -27.98 7.37
N LYS B 286 23.46 -28.95 7.98
CA LYS B 286 24.29 -29.95 7.28
C LYS B 286 23.48 -30.67 6.20
N ASN B 287 22.23 -31.01 6.52
CA ASN B 287 21.32 -31.72 5.63
C ASN B 287 20.75 -30.86 4.49
N GLY B 288 20.92 -29.53 4.58
CA GLY B 288 20.52 -28.59 3.54
C GLY B 288 19.02 -28.56 3.26
N VAL B 289 18.68 -28.59 1.97
CA VAL B 289 17.28 -28.51 1.52
C VAL B 289 16.40 -29.69 2.00
N ASN B 290 17.05 -30.81 2.33
CA ASN B 290 16.36 -32.04 2.70
C ASN B 290 15.60 -31.98 4.03
N ASP B 291 16.05 -31.14 4.96
CA ASP B 291 15.30 -30.87 6.20
C ASP B 291 13.91 -30.31 5.91
N ILE B 292 13.82 -29.50 4.87
CA ILE B 292 12.55 -28.92 4.41
C ILE B 292 11.75 -29.96 3.62
N LYS B 293 12.39 -30.54 2.60
CA LYS B 293 11.75 -31.50 1.70
C LYS B 293 11.23 -32.77 2.42
N ASN B 294 11.92 -33.17 3.48
CA ASN B 294 11.53 -34.36 4.26
C ASN B 294 10.63 -34.06 5.47
N HIS B 295 10.26 -32.80 5.67
CA HIS B 295 9.42 -32.40 6.81
C HIS B 295 8.00 -32.95 6.69
N LYS B 296 7.39 -33.30 7.82
CA LYS B 296 6.01 -33.84 7.89
C LYS B 296 4.98 -33.06 7.06
N TRP B 297 5.09 -31.72 7.04
CA TRP B 297 4.18 -30.86 6.27
C TRP B 297 4.26 -31.10 4.76
N PHE B 298 5.43 -31.51 4.28
CA PHE B 298 5.65 -31.83 2.84
C PHE B 298 5.55 -33.32 2.51
N ALA B 299 5.08 -34.14 3.45
CA ALA B 299 4.98 -35.60 3.26
C ALA B 299 4.18 -36.07 2.03
N THR B 300 3.13 -35.32 1.67
CA THR B 300 2.30 -35.66 0.52
C THR B 300 2.81 -35.08 -0.81
N THR B 301 3.84 -34.25 -0.75
CA THR B 301 4.39 -33.59 -1.95
C THR B 301 5.25 -34.55 -2.78
N ASP B 302 4.87 -34.70 -4.06
CA ASP B 302 5.66 -35.44 -5.03
C ASP B 302 6.52 -34.41 -5.75
N TRP B 303 7.79 -34.34 -5.35
CA TRP B 303 8.73 -33.31 -5.81
C TRP B 303 9.00 -33.37 -7.30
N ILE B 304 9.13 -34.60 -7.83
CA ILE B 304 9.28 -34.86 -9.26
C ILE B 304 8.07 -34.34 -10.05
N ALA B 305 6.86 -34.62 -9.55
CA ALA B 305 5.62 -34.20 -10.20
C ALA B 305 5.46 -32.69 -10.25
N ILE B 306 5.86 -32.01 -9.17
CA ILE B 306 5.89 -30.54 -9.10
C ILE B 306 6.86 -29.97 -10.14
N TYR B 307 8.09 -30.49 -10.16
CA TYR B 307 9.10 -30.08 -11.15
C TYR B 307 8.60 -30.25 -12.59
N GLN B 308 7.99 -31.39 -12.87
CA GLN B 308 7.49 -31.73 -14.21
C GLN B 308 6.16 -31.06 -14.54
N ARG B 309 5.59 -30.35 -13.55
CA ARG B 309 4.33 -29.62 -13.66
C ARG B 309 3.16 -30.54 -14.04
N LYS B 310 3.10 -31.68 -13.36
CA LYS B 310 2.06 -32.69 -13.58
C LYS B 310 0.97 -32.68 -12.50
N VAL B 311 1.16 -31.87 -11.46
CA VAL B 311 0.14 -31.68 -10.41
C VAL B 311 -0.86 -30.62 -10.90
N GLU B 312 -2.15 -30.89 -10.70
CA GLU B 312 -3.20 -29.92 -10.98
C GLU B 312 -3.17 -28.77 -9.97
N ALA B 313 -3.05 -27.55 -10.50
CA ALA B 313 -3.00 -26.31 -9.71
C ALA B 313 -4.37 -25.98 -9.10
N PRO B 314 -4.41 -25.26 -7.94
CA PRO B 314 -5.71 -24.93 -7.36
C PRO B 314 -6.43 -23.79 -8.09
N PHE B 315 -5.70 -23.08 -8.95
CA PHE B 315 -6.18 -21.88 -9.62
C PHE B 315 -5.60 -21.76 -11.02
N ILE B 316 -6.48 -21.67 -12.01
CA ILE B 316 -6.11 -21.39 -13.39
C ILE B 316 -6.68 -20.00 -13.74
N PRO B 317 -5.81 -19.04 -14.12
CA PRO B 317 -6.27 -17.69 -14.45
C PRO B 317 -7.10 -17.70 -15.72
N LYS B 318 -8.17 -16.89 -15.73
CA LYS B 318 -9.07 -16.79 -16.88
C LYS B 318 -8.36 -16.11 -18.05
N PHE B 319 -8.39 -16.77 -19.21
CA PHE B 319 -7.72 -16.27 -20.42
C PHE B 319 -8.48 -15.09 -21.04
N LYS B 320 -7.71 -14.12 -21.53
CA LYS B 320 -8.23 -13.00 -22.32
C LYS B 320 -7.54 -12.92 -23.67
N GLY B 321 -8.34 -12.99 -24.74
CA GLY B 321 -7.83 -12.94 -26.11
C GLY B 321 -8.47 -11.82 -26.91
N GLU B 332 -2.46 -0.04 -36.11
CA GLU B 332 -1.18 0.59 -35.89
C GLU B 332 -0.55 0.15 -34.56
N GLU B 333 0.78 0.23 -34.49
CA GLU B 333 1.56 -0.16 -33.32
C GLU B 333 1.67 1.03 -32.33
N GLU B 334 2.89 1.27 -31.84
CA GLU B 334 3.24 2.42 -31.02
C GLU B 334 4.75 2.63 -31.19
N GLU B 335 5.12 3.82 -31.66
CA GLU B 335 6.51 4.13 -32.02
C GLU B 335 7.41 4.32 -30.79
N ILE B 336 8.57 3.67 -30.83
CA ILE B 336 9.66 3.92 -29.88
C ILE B 336 10.71 4.75 -30.63
N ARG B 337 10.99 5.95 -30.11
CA ARG B 337 11.99 6.81 -30.73
C ARG B 337 13.39 6.33 -30.38
N VAL B 338 14.09 5.86 -31.40
CA VAL B 338 15.47 5.43 -31.29
C VAL B 338 16.34 6.49 -31.95
N SEP B 339 17.34 6.97 -31.21
CA SEP B 339 18.25 8.00 -31.69
CB SEP B 339 19.20 8.42 -30.56
OG SEP B 339 20.03 9.51 -30.97
C SEP B 339 19.06 7.52 -32.86
O SEP B 339 19.38 6.34 -32.95
P SEP B 339 19.52 11.03 -31.07
O1P SEP B 339 20.79 11.85 -30.92
O2P SEP B 339 18.51 11.22 -29.97
O3P SEP B 339 18.91 11.10 -32.46
N ILE B 340 19.36 8.43 -33.78
CA ILE B 340 20.28 8.16 -34.90
C ILE B 340 21.74 8.14 -34.44
N ASN B 341 21.98 8.58 -33.20
CA ASN B 341 23.32 8.57 -32.59
C ASN B 341 23.38 7.55 -31.45
N GLU B 342 24.43 6.74 -31.48
CA GLU B 342 24.70 5.71 -30.46
CA GLU B 342 24.66 5.72 -30.45
C GLU B 342 24.93 6.38 -29.10
N LYS B 343 24.16 5.96 -28.09
CA LYS B 343 24.30 6.48 -26.73
C LYS B 343 24.93 5.44 -25.82
N CYS B 344 25.91 5.88 -25.02
CA CYS B 344 26.56 5.06 -23.99
C CYS B 344 27.04 3.70 -24.52
N GLY B 345 27.66 3.74 -25.69
CA GLY B 345 28.01 2.53 -26.45
C GLY B 345 28.99 1.61 -25.75
N LYS B 346 30.13 2.17 -25.35
CA LYS B 346 31.17 1.40 -24.70
C LYS B 346 30.79 0.93 -23.28
N GLU B 347 29.93 1.70 -22.61
CA GLU B 347 29.42 1.36 -21.27
C GLU B 347 28.65 0.03 -21.25
N PHE B 348 27.88 -0.22 -22.31
CA PHE B 348 27.05 -1.41 -22.40
C PHE B 348 27.51 -2.40 -23.47
N SER B 349 28.80 -2.36 -23.77
CA SER B 349 29.41 -3.26 -24.78
C SER B 349 29.15 -4.74 -24.48
N GLU B 350 29.21 -5.10 -23.20
CA GLU B 350 28.99 -6.48 -22.74
C GLU B 350 27.52 -6.93 -22.76
N PHE B 351 26.59 -5.99 -22.78
CA PHE B 351 25.15 -6.32 -22.84
C PHE B 351 24.81 -7.09 -24.10
C4 6J9 C 1 -3.70 18.68 2.10
C5 6J9 C 1 -4.84 19.61 2.38
C6 6J9 C 1 -4.51 20.78 3.21
N1 6J9 C 1 -4.22 15.26 -0.28
C7 6J9 C 1 -6.22 19.63 2.05
C8 6J9 C 1 -6.67 20.79 2.67
N2 6J9 C 1 -2.47 18.99 2.60
C9 6J9 C 1 -2.25 20.10 3.33
N 6J9 C 1 -3.86 17.52 1.32
C1 6J9 C 1 -4.84 16.50 1.74
C 6J9 C 1 -3.03 17.33 0.14
C2 6J9 C 1 -2.88 15.84 -0.06
C3 6J9 C 1 -5.36 15.82 0.47
N4 6J9 C 1 -3.24 20.98 3.64
N3 6J9 C 1 -5.68 21.44 3.32
C1 ZEU C 2 -10.46 12.74 -7.16
O2 ZEU C 2 -9.86 12.49 -8.19
C2 ZEU C 2 -10.47 14.18 -6.69
C3 ZEU C 2 -9.49 14.37 -5.55
C4 ZEU C 2 -8.11 14.76 -6.04
C5 ZEU C 2 -7.22 15.21 -4.87
C6 ZEU C 2 -6.36 14.07 -4.34
C7 ZEU C 2 -5.33 14.59 -3.36
C8 ZEU C 2 -5.60 14.09 -1.96
C9 ZEU C 2 -4.34 14.23 -1.13
O3 ZEU C 2 -3.47 13.38 -1.26
N DAR C 3 -11.11 11.85 -6.40
CA DAR C 3 -10.83 10.42 -6.41
CB DAR C 3 -11.88 9.63 -5.61
CG DAR C 3 -11.94 9.94 -4.11
CD DAR C 3 -13.11 9.25 -3.43
NE DAR C 3 -12.82 7.88 -3.05
CZ DAR C 3 -12.27 7.49 -1.89
NH1 DAR C 3 -12.06 6.19 -1.68
NH2 DAR C 3 -11.93 8.36 -0.93
C DAR C 3 -9.41 10.13 -5.95
O DAR C 3 -8.89 10.83 -5.07
N DAR C 4 -8.81 9.11 -6.54
CA DAR C 4 -7.45 8.67 -6.17
CB DAR C 4 -6.76 7.98 -7.34
CG DAR C 4 -5.26 8.31 -7.33
CD DAR C 4 -4.56 7.73 -8.54
NE DAR C 4 -4.23 8.75 -9.53
CZ DAR C 4 -4.72 8.79 -10.77
NH1 DAR C 4 -5.58 7.87 -11.24
NH2 DAR C 4 -4.35 9.78 -11.59
C DAR C 4 -7.52 7.76 -4.98
O DAR C 4 -6.65 7.80 -4.13
N NH2 C 5 -8.60 6.86 -4.86
C4 6J9 D 1 5.38 -8.93 -15.91
C5 6J9 D 1 6.54 -9.76 -16.41
C6 6J9 D 1 6.19 -10.91 -17.26
N1 6J9 D 1 6.54 -5.34 -14.57
C7 6J9 D 1 7.96 -9.72 -16.25
C8 6J9 D 1 8.40 -10.81 -16.99
N2 6J9 D 1 4.14 -9.30 -16.32
C9 6J9 D 1 3.91 -10.37 -17.11
N 6J9 D 1 5.53 -7.80 -15.08
C1 6J9 D 1 6.61 -7.71 -14.10
C 6J9 D 1 4.58 -6.69 -15.15
C2 6J9 D 1 5.40 -5.44 -15.51
C3 6J9 D 1 7.44 -6.50 -14.58
N4 6J9 D 1 4.89 -11.16 -17.58
N3 6J9 D 1 7.36 -11.48 -17.57
C1 ZEU D 2 13.57 0.79 -13.40
O2 ZEU D 2 13.20 1.91 -13.73
C2 ZEU D 2 13.70 -0.28 -14.47
C3 ZEU D 2 12.39 -0.48 -15.24
C4 ZEU D 2 11.32 -1.11 -14.37
C5 ZEU D 2 10.10 -1.53 -15.18
C6 ZEU D 2 8.97 -1.98 -14.27
C7 ZEU D 2 9.08 -3.47 -13.97
C8 ZEU D 2 7.98 -3.99 -13.03
C9 ZEU D 2 6.70 -4.25 -13.80
O3 ZEU D 2 5.83 -3.39 -13.66
N DAR D 3 13.91 0.41 -12.16
CA DAR D 3 13.59 1.19 -10.97
CA DAR D 3 13.58 1.22 -10.99
CB DAR D 3 14.25 0.54 -9.76
CB DAR D 3 14.31 0.79 -9.70
CG DAR D 3 14.96 1.59 -8.90
CG DAR D 3 14.54 -0.71 -9.52
CD DAR D 3 15.81 0.93 -7.82
CD DAR D 3 13.62 -1.31 -8.45
NE DAR D 3 15.03 0.01 -7.01
NE DAR D 3 14.31 -2.32 -7.66
CZ DAR D 3 14.91 -1.27 -7.35
CZ DAR D 3 14.45 -3.58 -8.08
NH1 DAR D 3 14.19 -2.09 -6.58
NH1 DAR D 3 15.08 -4.47 -7.30
NH2 DAR D 3 15.49 -1.74 -8.46
NH2 DAR D 3 13.96 -3.98 -9.25
C DAR D 3 12.10 1.24 -10.76
O DAR D 3 11.39 0.28 -11.08
N DAR D 4 11.61 2.37 -10.23
CA DAR D 4 10.20 2.54 -9.90
CB DAR D 4 9.86 4.00 -9.65
CG DAR D 4 8.40 4.31 -10.03
CD DAR D 4 8.06 5.78 -9.81
NE DAR D 4 8.48 6.62 -10.91
CZ DAR D 4 9.55 7.43 -10.89
NH1 DAR D 4 9.83 8.15 -11.98
NH2 DAR D 4 10.34 7.54 -9.82
C DAR D 4 9.91 1.70 -8.68
O DAR D 4 10.68 1.73 -7.71
N DAR D 5 8.81 0.96 -8.74
CA DAR D 5 8.42 0.03 -7.68
CB DAR D 5 7.85 -1.27 -8.26
CG DAR D 5 8.63 -1.86 -9.45
CD DAR D 5 10.04 -2.31 -9.06
NE DAR D 5 10.88 -2.54 -10.22
CZ DAR D 5 11.07 -3.74 -10.77
NH1 DAR D 5 10.47 -4.83 -10.29
NH2 DAR D 5 11.87 -3.85 -11.83
C DAR D 5 7.40 0.69 -6.79
O DAR D 5 6.61 1.50 -7.24
N NH2 D 6 7.38 0.34 -5.41
P PO4 E . 2.42 -6.48 20.38
O1 PO4 E . 2.84 -5.65 21.57
O2 PO4 E . 3.52 -7.45 20.02
O3 PO4 E . 2.15 -5.57 19.21
O4 PO4 E . 1.16 -7.25 20.72
P PO4 F . -23.08 11.66 19.76
O1 PO4 F . -22.17 12.87 19.74
O2 PO4 F . -22.81 10.92 21.05
O3 PO4 F . -24.54 12.09 19.71
O4 PO4 F . -22.80 10.77 18.59
P PO4 G . -32.74 -1.89 7.71
O1 PO4 G . -31.80 -1.21 8.67
O2 PO4 G . -32.84 -1.07 6.45
O3 PO4 G . -34.12 -1.98 8.35
O4 PO4 G . -32.25 -3.27 7.39
P PO4 H . -9.20 17.19 0.73
O1 PO4 H . -8.03 17.84 0.04
O2 PO4 H . -8.78 15.88 1.35
O3 PO4 H . -10.29 16.95 -0.28
O4 PO4 H . -9.72 18.12 1.81
P PO4 I . -13.41 13.69 -3.73
O1 PO4 I . -11.93 13.55 -3.44
O2 PO4 I . -14.19 13.38 -2.47
O3 PO4 I . -13.71 15.09 -4.18
O4 PO4 I . -13.81 12.70 -4.79
P PO4 J . -1.74 12.42 30.29
O1 PO4 J . -0.55 13.05 29.61
O2 PO4 J . -1.31 11.14 30.97
O3 PO4 J . -2.26 13.38 31.33
O4 PO4 J . -2.80 12.13 29.27
P PO4 K . -7.52 -9.00 27.90
O1 PO4 K . -7.50 -8.01 29.03
O2 PO4 K . -7.30 -10.39 28.45
O3 PO4 K . -6.42 -8.67 26.91
O4 PO4 K . -8.85 -8.93 27.19
P PO4 L . -12.38 18.71 -25.53
O1 PO4 L . -11.41 18.01 -24.63
O2 PO4 L . -11.63 19.47 -26.60
O3 PO4 L . -13.24 19.65 -24.73
O4 PO4 L . -13.28 17.69 -26.20
P PO4 M . -30.82 9.62 -0.15
O1 PO4 M . -29.92 8.87 0.80
O2 PO4 M . -29.97 10.26 -1.22
O3 PO4 M . -31.58 10.68 0.61
O4 PO4 M . -31.80 8.66 -0.78
P PO4 N . -9.12 27.90 13.98
O1 PO4 N . -8.44 28.10 15.31
O2 PO4 N . -8.91 29.12 13.12
O3 PO4 N . -10.60 27.69 14.20
O4 PO4 N . -8.54 26.70 13.29
P PO4 O . -2.96 28.72 30.69
O1 PO4 O . -1.71 29.04 29.92
O2 PO4 O . -2.60 28.25 32.07
O3 PO4 O . -3.82 29.96 30.79
O4 PO4 O . -3.72 27.64 29.96
P PO4 P . 5.90 14.77 26.04
O1 PO4 P . 6.54 15.33 27.29
O2 PO4 P . 6.42 15.50 24.83
O3 PO4 P . 4.40 14.95 26.12
O4 PO4 P . 6.24 13.30 25.92
P PO4 Q . 2.71 3.62 27.07
O1 PO4 Q . 3.98 4.10 26.40
O2 PO4 Q . 3.04 3.10 28.45
O3 PO4 Q . 1.73 4.75 27.19
O4 PO4 Q . 2.11 2.50 26.25
C4 6J9 R . -16.24 23.09 24.73
C5 6J9 R . -16.63 22.27 23.53
C6 6J9 R . -16.78 20.82 23.76
N1 6J9 R . -16.05 27.10 25.54
C7 6J9 R . -16.92 22.56 22.16
C8 6J9 R . -17.23 21.31 21.63
N2 6J9 R . -16.05 22.43 25.90
C9 6J9 R . -16.20 21.09 26.02
N 6J9 R . -16.06 24.49 24.64
C1 6J9 R . -14.76 25.07 25.00
C 6J9 R . -17.18 25.34 24.23
C2 6J9 R . -17.35 26.42 25.30
C3 6J9 R . -15.02 26.17 26.04
N4 6J9 R . -16.55 20.30 24.99
N3 6J9 R . -17.15 20.32 22.56
P PO4 S . 20.30 -24.89 0.31
O1 PO4 S . 20.25 -23.41 0.62
O2 PO4 S . 19.57 -25.69 1.36
O3 PO4 S . 21.75 -25.32 0.27
O4 PO4 S . 19.62 -25.15 -1.02
P PO4 T . -7.17 -15.74 12.60
O1 PO4 T . -6.49 -15.63 13.95
O2 PO4 T . -6.13 -15.55 11.54
O3 PO4 T . -8.24 -14.68 12.47
O4 PO4 T . -7.80 -17.10 12.45
P PO4 U . 11.09 -7.24 -13.05
O1 PO4 U . 11.83 -6.62 -11.90
O2 PO4 U . 10.96 -6.24 -14.16
O3 PO4 U . 9.73 -7.68 -12.58
O4 PO4 U . 11.83 -8.46 -13.57
P PO4 V . 30.13 -9.81 10.21
O1 PO4 V . 29.69 -9.16 11.50
O2 PO4 V . 31.44 -10.54 10.43
O3 PO4 V . 30.35 -8.74 9.17
O4 PO4 V . 29.09 -10.78 9.74
P PO4 W . 31.05 -6.92 -3.62
O1 PO4 W . 31.92 -6.15 -2.66
O2 PO4 W . 30.77 -6.07 -4.84
O3 PO4 W . 29.73 -7.28 -2.96
O4 PO4 W . 31.76 -8.19 -4.03
P PO4 X . 11.17 -4.14 -5.61
O1 PO4 X . 12.00 -3.00 -5.06
O2 PO4 X . 11.33 -5.36 -4.74
O3 PO4 X . 11.66 -4.45 -7.01
O4 PO4 X . 9.71 -3.73 -5.65
P PO4 Y . -10.68 -6.91 -8.40
O1 PO4 Y . -9.38 -7.37 -7.80
O2 PO4 Y . -10.42 -5.90 -9.48
O3 PO4 Y . -11.53 -6.28 -7.31
O4 PO4 Y . -11.42 -8.10 -8.97
P PO4 Z . -2.13 -32.51 -0.51
O1 PO4 Z . -1.38 -31.21 -0.39
O2 PO4 Z . -1.99 -33.29 0.79
O3 PO4 Z . -3.59 -32.26 -0.76
O4 PO4 Z . -1.55 -33.31 -1.65
P PO4 AA . -8.36 -28.86 -5.63
O1 PO4 AA . -6.86 -28.99 -5.50
O2 PO4 AA . -8.69 -27.86 -6.71
O3 PO4 AA . -8.95 -28.39 -4.31
O4 PO4 AA . -8.95 -30.20 -5.99
P PO4 BA . 9.35 -0.87 -35.62
O1 PO4 BA . 10.30 0.19 -36.11
O2 PO4 BA . 9.95 -1.57 -34.42
O3 PO4 BA . 8.04 -0.22 -35.23
O4 PO4 BA . 9.09 -1.86 -36.72
P PO4 CA . 31.81 -16.24 5.13
O1 PO4 CA . 32.47 -16.46 6.47
O2 PO4 CA . 32.30 -14.94 4.53
O3 PO4 CA . 30.31 -16.18 5.31
O4 PO4 CA . 32.16 -17.38 4.20
P PO4 DA . 32.32 -15.59 -10.58
O1 PO4 DA . 33.15 -14.41 -11.05
O2 PO4 DA . 33.13 -16.43 -9.61
O3 PO4 DA . 31.07 -15.12 -9.90
O4 PO4 DA . 31.96 -16.44 -11.77
C4 6J9 EA . 13.90 -33.74 -9.98
C5 6J9 EA . 14.46 -32.38 -9.71
C6 6J9 EA . 14.24 -31.82 -8.37
N1 6J9 EA . 14.55 -34.97 -13.88
C7 6J9 EA . 15.19 -31.44 -10.50
C8 6J9 EA . 15.39 -30.38 -9.62
N2 6J9 EA . 13.23 -34.35 -8.95
C9 6J9 EA . 13.07 -33.77 -7.74
N 6J9 EA . 14.05 -34.39 -11.21
C1 6J9 EA . 12.87 -34.56 -12.08
C 6J9 EA . 15.36 -34.92 -11.56
C2 6J9 EA . 15.65 -34.52 -13.01
C3 6J9 EA . 13.29 -34.28 -13.54
N4 6J9 EA . 13.55 -32.54 -7.44
N3 6J9 EA . 14.83 -30.61 -8.40
P PO4 FA . 15.65 -3.06 -12.20
O1 PO4 FA . 16.58 -1.89 -12.02
O2 PO4 FA . 15.99 -4.06 -11.13
O3 PO4 FA . 14.23 -2.61 -12.07
O4 PO4 FA . 15.84 -3.64 -13.58
#